data_1AJT
# 
_entry.id   1AJT 
# 
_audit_conform.dict_name       mmcif_pdbx.dic 
_audit_conform.dict_version    5.392 
_audit_conform.dict_location   http://mmcif.pdb.org/dictionaries/ascii/mmcif_pdbx.dic 
# 
loop_
_database_2.database_id 
_database_2.database_code 
_database_2.pdbx_database_accession 
_database_2.pdbx_DOI 
PDB   1AJT         pdb_00001ajt 10.2210/pdb1ajt/pdb 
WWPDB D_1000170904 ?            ?                   
# 
loop_
_pdbx_audit_revision_history.ordinal 
_pdbx_audit_revision_history.data_content_type 
_pdbx_audit_revision_history.major_revision 
_pdbx_audit_revision_history.minor_revision 
_pdbx_audit_revision_history.revision_date 
1 'Structure model' 1 0 1997-08-20 
2 'Structure model' 1 1 2008-03-24 
3 'Structure model' 1 2 2011-07-13 
4 'Structure model' 1 3 2022-02-16 
5 'Structure model' 1 4 2024-05-22 
# 
_pdbx_audit_revision_details.ordinal             1 
_pdbx_audit_revision_details.revision_ordinal    1 
_pdbx_audit_revision_details.data_content_type   'Structure model' 
_pdbx_audit_revision_details.provider            repository 
_pdbx_audit_revision_details.type                'Initial release' 
_pdbx_audit_revision_details.description         ? 
_pdbx_audit_revision_details.details             ? 
# 
loop_
_pdbx_audit_revision_group.ordinal 
_pdbx_audit_revision_group.revision_ordinal 
_pdbx_audit_revision_group.data_content_type 
_pdbx_audit_revision_group.group 
1 2 'Structure model' 'Version format compliance' 
2 3 'Structure model' 'Version format compliance' 
3 4 'Structure model' 'Database references'       
4 4 'Structure model' 'Derived calculations'      
5 4 'Structure model' Other                       
6 5 'Structure model' 'Data collection'           
# 
loop_
_pdbx_audit_revision_category.ordinal 
_pdbx_audit_revision_category.revision_ordinal 
_pdbx_audit_revision_category.data_content_type 
_pdbx_audit_revision_category.category 
1 4 'Structure model' database_2            
2 4 'Structure model' pdbx_database_status  
3 4 'Structure model' pdbx_struct_assembly  
4 4 'Structure model' pdbx_struct_oper_list 
5 5 'Structure model' chem_comp_atom        
6 5 'Structure model' chem_comp_bond        
# 
loop_
_pdbx_audit_revision_item.ordinal 
_pdbx_audit_revision_item.revision_ordinal 
_pdbx_audit_revision_item.data_content_type 
_pdbx_audit_revision_item.item 
1 4 'Structure model' '_database_2.pdbx_DOI'                
2 4 'Structure model' '_database_2.pdbx_database_accession' 
3 4 'Structure model' '_pdbx_database_status.process_site'  
# 
_pdbx_database_status.status_code                     REL 
_pdbx_database_status.entry_id                        1AJT 
_pdbx_database_status.recvd_initial_deposition_date   1997-05-08 
_pdbx_database_status.deposit_site                    ? 
_pdbx_database_status.process_site                    BNL 
_pdbx_database_status.status_code_sf                  ? 
_pdbx_database_status.status_code_mr                  REL 
_pdbx_database_status.SG_entry                        ? 
_pdbx_database_status.pdb_format_compatible           Y 
_pdbx_database_status.status_code_cs                  ? 
_pdbx_database_status.status_code_nmr_data            ? 
_pdbx_database_status.methods_development_category    ? 
# 
_pdbx_database_related.db_name        PDB 
_pdbx_database_related.db_id          1AJL 
_pdbx_database_related.details        '1 STRUCTURE' 
_pdbx_database_related.content_type   unspecified 
# 
loop_
_audit_author.name 
_audit_author.pdbx_ordinal 
'Luebke, K.J.'      1 
'Landry, S.M.'      2 
'Tinoco Junior, I.' 3 
# 
_citation.id                        primary 
_citation.title                     'Solution conformation of a five-nucleotide RNA bulge loop from a group I intron.' 
_citation.journal_abbrev            Biochemistry 
_citation.journal_volume            36 
_citation.page_first                10246 
_citation.page_last                 10255 
_citation.year                      1997 
_citation.journal_id_ASTM           BICHAW 
_citation.country                   US 
_citation.journal_id_ISSN           0006-2960 
_citation.journal_id_CSD            0033 
_citation.book_publisher            'Berkeley : University of California, Berkeley (Thesis)' 
_citation.pdbx_database_id_PubMed   9254623 
_citation.pdbx_database_id_DOI      10.1021/bi9701540 
# 
loop_
_citation_author.citation_id 
_citation_author.name 
_citation_author.ordinal 
_citation_author.identifier_ORCID 
primary 'Luebke, K.J.' 1 ? 
primary 'Landry, S.M.' 2 ? 
primary 'Tinoco, I.'   3 ? 
# 
loop_
_entity.id 
_entity.type 
_entity.src_method 
_entity.pdbx_description 
_entity.formula_weight 
_entity.pdbx_number_of_molecules 
_entity.pdbx_ec 
_entity.pdbx_mutation 
_entity.pdbx_fragment 
_entity.details 
1 polymer syn 
;RNA (5'-R(*GP*GP*UP*AP*AP*UP*AP*AP*GP*CP*UP*C)-3')
;
3836.344 1 ? ? ? ? 
2 polymer syn 
;RNA (5'-R(*GP*AP*GP*UP*AP*CP*C)-3')
;
2220.395 1 ? ? ? ? 
# 
loop_
_entity_poly.entity_id 
_entity_poly.type 
_entity_poly.nstd_linkage 
_entity_poly.nstd_monomer 
_entity_poly.pdbx_seq_one_letter_code 
_entity_poly.pdbx_seq_one_letter_code_can 
_entity_poly.pdbx_strand_id 
_entity_poly.pdbx_target_identifier 
1 polyribonucleotide no no GGUAAUAAGCUC GGUAAUAAGCUC A ? 
2 polyribonucleotide no no GAGUACC      GAGUACC      B ? 
# 
loop_
_entity_poly_seq.entity_id 
_entity_poly_seq.num 
_entity_poly_seq.mon_id 
_entity_poly_seq.hetero 
1 1  G n 
1 2  G n 
1 3  U n 
1 4  A n 
1 5  A n 
1 6  U n 
1 7  A n 
1 8  A n 
1 9  G n 
1 10 C n 
1 11 U n 
1 12 C n 
2 1  G n 
2 2  A n 
2 3  G n 
2 4  U n 
2 5  A n 
2 6  C n 
2 7  C n 
# 
loop_
_chem_comp.id 
_chem_comp.type 
_chem_comp.mon_nstd_flag 
_chem_comp.name 
_chem_comp.pdbx_synonyms 
_chem_comp.formula 
_chem_comp.formula_weight 
A 'RNA linking' y "ADENOSINE-5'-MONOPHOSPHATE" ? 'C10 H14 N5 O7 P' 347.221 
C 'RNA linking' y "CYTIDINE-5'-MONOPHOSPHATE"  ? 'C9 H14 N3 O8 P'  323.197 
G 'RNA linking' y "GUANOSINE-5'-MONOPHOSPHATE" ? 'C10 H14 N5 O8 P' 363.221 
U 'RNA linking' y "URIDINE-5'-MONOPHOSPHATE"   ? 'C9 H13 N2 O9 P'  324.181 
# 
loop_
_pdbx_poly_seq_scheme.asym_id 
_pdbx_poly_seq_scheme.entity_id 
_pdbx_poly_seq_scheme.seq_id 
_pdbx_poly_seq_scheme.mon_id 
_pdbx_poly_seq_scheme.ndb_seq_num 
_pdbx_poly_seq_scheme.pdb_seq_num 
_pdbx_poly_seq_scheme.auth_seq_num 
_pdbx_poly_seq_scheme.pdb_mon_id 
_pdbx_poly_seq_scheme.auth_mon_id 
_pdbx_poly_seq_scheme.pdb_strand_id 
_pdbx_poly_seq_scheme.pdb_ins_code 
_pdbx_poly_seq_scheme.hetero 
A 1 1  G 1  2  2  G G A . n 
A 1 2  G 2  3  3  G G A . n 
A 1 3  U 3  4  4  U U A . n 
A 1 4  A 4  5  5  A A A . n 
A 1 5  A 5  6  6  A A A . n 
A 1 6  U 6  7  7  U U A . n 
A 1 7  A 7  8  8  A A A . n 
A 1 8  A 8  9  9  A A A . n 
A 1 9  G 9  10 10 G G A . n 
A 1 10 C 10 11 11 C C A . n 
A 1 11 U 11 12 12 U U A . n 
A 1 12 C 12 13 13 C C A . n 
B 2 1  G 1  18 18 G G B . n 
B 2 2  A 2  19 19 A A B . n 
B 2 3  G 3  20 20 G G B . n 
B 2 4  U 4  21 21 U U B . n 
B 2 5  A 5  22 22 A A B . n 
B 2 6  C 6  23 23 C C B . n 
B 2 7  C 7  24 24 C C B . n 
# 
loop_
_software.name 
_software.classification 
_software.version 
_software.citation_id 
_software.pdbx_ordinal 
X-PLOR 'model building' . ? 1 
X-PLOR refinement       . ? 2 
X-PLOR phasing          . ? 3 
# 
_cell.entry_id           1AJT 
_cell.length_a           1.000 
_cell.length_b           1.000 
_cell.length_c           1.000 
_cell.angle_alpha        90.00 
_cell.angle_beta         90.00 
_cell.angle_gamma        90.00 
_cell.Z_PDB              1 
_cell.pdbx_unique_axis   ? 
# 
_symmetry.entry_id                         1AJT 
_symmetry.space_group_name_H-M             'P 1' 
_symmetry.pdbx_full_space_group_name_H-M   ? 
_symmetry.cell_setting                     ? 
_symmetry.Int_Tables_number                1 
# 
_exptl.entry_id          1AJT 
_exptl.method            'SOLUTION NMR' 
_exptl.crystals_number   ? 
# 
_struct.entry_id                  1AJT 
_struct.title                     'FIVE-NUCLEOTIDE BULGE LOOP FROM TETRAHYMENA THERMOPHILA GROUP I INTRON, NMR, 1 STRUCTURE' 
_struct.pdbx_model_details        ? 
_struct.pdbx_CASP_flag            ? 
_struct.pdbx_model_type_details   ? 
# 
_struct_keywords.entry_id        1AJT 
_struct_keywords.pdbx_keywords   RNA 
_struct_keywords.text            'RNA BULGE LOOP, GROUP I INTRON, RIBONUCLEIC ACID, RNA' 
# 
loop_
_struct_asym.id 
_struct_asym.pdbx_blank_PDB_chainid_flag 
_struct_asym.pdbx_modified 
_struct_asym.entity_id 
_struct_asym.details 
A N N 1 ? 
B N N 2 ? 
# 
loop_
_struct_ref.id 
_struct_ref.entity_id 
_struct_ref.db_name 
_struct_ref.db_code 
_struct_ref.pdbx_db_accession 
_struct_ref.pdbx_db_isoform 
_struct_ref.pdbx_seq_one_letter_code 
_struct_ref.pdbx_align_begin 
1 1 PDB 1AJT 1AJT ? ? ? 
2 2 PDB 1AJT 1AJT ? ? ? 
# 
loop_
_struct_ref_seq.align_id 
_struct_ref_seq.ref_id 
_struct_ref_seq.pdbx_PDB_id_code 
_struct_ref_seq.pdbx_strand_id 
_struct_ref_seq.seq_align_beg 
_struct_ref_seq.pdbx_seq_align_beg_ins_code 
_struct_ref_seq.seq_align_end 
_struct_ref_seq.pdbx_seq_align_end_ins_code 
_struct_ref_seq.pdbx_db_accession 
_struct_ref_seq.db_align_beg 
_struct_ref_seq.pdbx_db_align_beg_ins_code 
_struct_ref_seq.db_align_end 
_struct_ref_seq.pdbx_db_align_end_ins_code 
_struct_ref_seq.pdbx_auth_seq_align_beg 
_struct_ref_seq.pdbx_auth_seq_align_end 
1 1 1AJT A 1 ? 12 ? 1AJT 2  ? 13 ? 2  13 
2 2 1AJT B 1 ? 7  ? 1AJT 18 ? 24 ? 18 24 
# 
_pdbx_struct_assembly.id                   1 
_pdbx_struct_assembly.details              author_defined_assembly 
_pdbx_struct_assembly.method_details       ? 
_pdbx_struct_assembly.oligomeric_details   dimeric 
_pdbx_struct_assembly.oligomeric_count     2 
# 
_pdbx_struct_assembly_gen.assembly_id       1 
_pdbx_struct_assembly_gen.oper_expression   1 
_pdbx_struct_assembly_gen.asym_id_list      A,B 
# 
_pdbx_struct_oper_list.id                   1 
_pdbx_struct_oper_list.type                 'identity operation' 
_pdbx_struct_oper_list.name                 1_555 
_pdbx_struct_oper_list.symmetry_operation   x,y,z 
_pdbx_struct_oper_list.matrix[1][1]         1.0000000000 
_pdbx_struct_oper_list.matrix[1][2]         0.0000000000 
_pdbx_struct_oper_list.matrix[1][3]         0.0000000000 
_pdbx_struct_oper_list.vector[1]            0.0000000000 
_pdbx_struct_oper_list.matrix[2][1]         0.0000000000 
_pdbx_struct_oper_list.matrix[2][2]         1.0000000000 
_pdbx_struct_oper_list.matrix[2][3]         0.0000000000 
_pdbx_struct_oper_list.vector[2]            0.0000000000 
_pdbx_struct_oper_list.matrix[3][1]         0.0000000000 
_pdbx_struct_oper_list.matrix[3][2]         0.0000000000 
_pdbx_struct_oper_list.matrix[3][3]         1.0000000000 
_pdbx_struct_oper_list.vector[3]            0.0000000000 
# 
_struct_biol.id   1 
# 
loop_
_struct_conn.id 
_struct_conn.conn_type_id 
_struct_conn.pdbx_leaving_atom_flag 
_struct_conn.pdbx_PDB_id 
_struct_conn.ptnr1_label_asym_id 
_struct_conn.ptnr1_label_comp_id 
_struct_conn.ptnr1_label_seq_id 
_struct_conn.ptnr1_label_atom_id 
_struct_conn.pdbx_ptnr1_label_alt_id 
_struct_conn.pdbx_ptnr1_PDB_ins_code 
_struct_conn.pdbx_ptnr1_standard_comp_id 
_struct_conn.ptnr1_symmetry 
_struct_conn.ptnr2_label_asym_id 
_struct_conn.ptnr2_label_comp_id 
_struct_conn.ptnr2_label_seq_id 
_struct_conn.ptnr2_label_atom_id 
_struct_conn.pdbx_ptnr2_label_alt_id 
_struct_conn.pdbx_ptnr2_PDB_ins_code 
_struct_conn.ptnr1_auth_asym_id 
_struct_conn.ptnr1_auth_comp_id 
_struct_conn.ptnr1_auth_seq_id 
_struct_conn.ptnr2_auth_asym_id 
_struct_conn.ptnr2_auth_comp_id 
_struct_conn.ptnr2_auth_seq_id 
_struct_conn.ptnr2_symmetry 
_struct_conn.pdbx_ptnr3_label_atom_id 
_struct_conn.pdbx_ptnr3_label_seq_id 
_struct_conn.pdbx_ptnr3_label_comp_id 
_struct_conn.pdbx_ptnr3_label_asym_id 
_struct_conn.pdbx_ptnr3_label_alt_id 
_struct_conn.pdbx_ptnr3_PDB_ins_code 
_struct_conn.details 
_struct_conn.pdbx_dist_value 
_struct_conn.pdbx_value_order 
_struct_conn.pdbx_role 
hydrog1  hydrog ? ? A G 1  N1 ? ? ? 1_555 B C 7 N3 ? ? A G 2  B C 24 1_555 ? ? ? ? ? ? WATSON-CRICK ? ? ? 
hydrog2  hydrog ? ? A G 1  N2 ? ? ? 1_555 B C 7 O2 ? ? A G 2  B C 24 1_555 ? ? ? ? ? ? WATSON-CRICK ? ? ? 
hydrog3  hydrog ? ? A G 1  O6 ? ? ? 1_555 B C 7 N4 ? ? A G 2  B C 24 1_555 ? ? ? ? ? ? WATSON-CRICK ? ? ? 
hydrog4  hydrog ? ? A G 2  N1 ? ? ? 1_555 B C 6 N3 ? ? A G 3  B C 23 1_555 ? ? ? ? ? ? WATSON-CRICK ? ? ? 
hydrog5  hydrog ? ? A G 2  N2 ? ? ? 1_555 B C 6 O2 ? ? A G 3  B C 23 1_555 ? ? ? ? ? ? WATSON-CRICK ? ? ? 
hydrog6  hydrog ? ? A G 2  O6 ? ? ? 1_555 B C 6 N4 ? ? A G 3  B C 23 1_555 ? ? ? ? ? ? WATSON-CRICK ? ? ? 
hydrog7  hydrog ? ? A U 3  O2 ? ? ? 1_555 B A 5 N6 ? ? A U 4  B A 22 1_555 ? ? ? ? ? ? 'U-A PAIR'   ? ? ? 
hydrog8  hydrog ? ? A G 9  N1 ? ? ? 1_555 B U 4 O2 ? ? A G 10 B U 21 1_555 ? ? ? ? ? ? TYPE_28_PAIR ? ? ? 
hydrog9  hydrog ? ? A G 9  O6 ? ? ? 1_555 B U 4 N3 ? ? A G 10 B U 21 1_555 ? ? ? ? ? ? TYPE_28_PAIR ? ? ? 
hydrog10 hydrog ? ? A C 10 N3 ? ? ? 1_555 B G 3 N1 ? ? A C 11 B G 20 1_555 ? ? ? ? ? ? WATSON-CRICK ? ? ? 
hydrog11 hydrog ? ? A C 10 N4 ? ? ? 1_555 B G 3 O6 ? ? A C 11 B G 20 1_555 ? ? ? ? ? ? WATSON-CRICK ? ? ? 
hydrog12 hydrog ? ? A C 10 O2 ? ? ? 1_555 B G 3 N2 ? ? A C 11 B G 20 1_555 ? ? ? ? ? ? WATSON-CRICK ? ? ? 
hydrog13 hydrog ? ? A U 11 N3 ? ? ? 1_555 B A 2 N1 ? ? A U 12 B A 19 1_555 ? ? ? ? ? ? WATSON-CRICK ? ? ? 
hydrog14 hydrog ? ? A U 11 O4 ? ? ? 1_555 B A 2 N6 ? ? A U 12 B A 19 1_555 ? ? ? ? ? ? WATSON-CRICK ? ? ? 
hydrog15 hydrog ? ? A C 12 N3 ? ? ? 1_555 B G 1 N1 ? ? A C 13 B G 18 1_555 ? ? ? ? ? ? WATSON-CRICK ? ? ? 
hydrog16 hydrog ? ? A C 12 N4 ? ? ? 1_555 B G 1 O6 ? ? A C 13 B G 18 1_555 ? ? ? ? ? ? WATSON-CRICK ? ? ? 
hydrog17 hydrog ? ? A C 12 O2 ? ? ? 1_555 B G 1 N2 ? ? A C 13 B G 18 1_555 ? ? ? ? ? ? WATSON-CRICK ? ? ? 
# 
_struct_conn_type.id          hydrog 
_struct_conn_type.criteria    ? 
_struct_conn_type.reference   ? 
# 
loop_
_pdbx_validate_close_contact.id 
_pdbx_validate_close_contact.PDB_model_num 
_pdbx_validate_close_contact.auth_atom_id_1 
_pdbx_validate_close_contact.auth_asym_id_1 
_pdbx_validate_close_contact.auth_comp_id_1 
_pdbx_validate_close_contact.auth_seq_id_1 
_pdbx_validate_close_contact.PDB_ins_code_1 
_pdbx_validate_close_contact.label_alt_id_1 
_pdbx_validate_close_contact.auth_atom_id_2 
_pdbx_validate_close_contact.auth_asym_id_2 
_pdbx_validate_close_contact.auth_comp_id_2 
_pdbx_validate_close_contact.auth_seq_id_2 
_pdbx_validate_close_contact.PDB_ins_code_2 
_pdbx_validate_close_contact.label_alt_id_2 
_pdbx_validate_close_contact.dist 
1 1 O2     A U 4  ? ? H61 B A 22 ? ? 1.54 
2 1 "HO2'" A A 9  ? ? OP2 A G 10 ? ? 1.56 
3 1 H41    A C 11 ? ? O6  B G 20 ? ? 1.59 
# 
_pdbx_nmr_ensemble.entry_id                             1AJT 
_pdbx_nmr_ensemble.conformers_calculated_total_number   20 
_pdbx_nmr_ensemble.conformers_submitted_total_number    1 
_pdbx_nmr_ensemble.conformer_selection_criteria         'LEAST RESTRAINT VIOLATION' 
# 
_pdbx_nmr_exptl_sample_conditions.conditions_id       1 
_pdbx_nmr_exptl_sample_conditions.temperature         298 
_pdbx_nmr_exptl_sample_conditions.pressure            ? 
_pdbx_nmr_exptl_sample_conditions.pH                  6.7 
_pdbx_nmr_exptl_sample_conditions.ionic_strength      ? 
_pdbx_nmr_exptl_sample_conditions.pressure_units      . 
_pdbx_nmr_exptl_sample_conditions.temperature_units   K 
# 
loop_
_pdbx_nmr_exptl.experiment_id 
_pdbx_nmr_exptl.conditions_id 
_pdbx_nmr_exptl.type 
_pdbx_nmr_exptl.solution_id 
1 1 NOESY            1 
2 1 DQF-COSY         1 
3 1 HMQC             1 
4 1 TOCSY            1 
5 1 TOCSY-NOESY      1 
6 1 'H-P CORRELATED' 1 
# 
_pdbx_nmr_refine.entry_id           1AJT 
_pdbx_nmr_refine.method             'RESTRAINED MOLECULAR DYNAMICS' 
_pdbx_nmr_refine.details            ? 
_pdbx_nmr_refine.software_ordinal   1 
# 
loop_
_pdbx_nmr_software.classification 
_pdbx_nmr_software.name 
_pdbx_nmr_software.version 
_pdbx_nmr_software.authors 
_pdbx_nmr_software.ordinal 
refinement           X-PLOR    2.2 BRUNGER 1 
'structure solution' FELIX230  ?   ?       2 
'structure solution' X-PLOR2.2 ?   ?       3 
# 
loop_
_chem_comp_atom.comp_id 
_chem_comp_atom.atom_id 
_chem_comp_atom.type_symbol 
_chem_comp_atom.pdbx_aromatic_flag 
_chem_comp_atom.pdbx_stereo_config 
_chem_comp_atom.pdbx_ordinal 
A OP3    O N N 1   
A P      P N N 2   
A OP1    O N N 3   
A OP2    O N N 4   
A "O5'"  O N N 5   
A "C5'"  C N N 6   
A "C4'"  C N R 7   
A "O4'"  O N N 8   
A "C3'"  C N S 9   
A "O3'"  O N N 10  
A "C2'"  C N R 11  
A "O2'"  O N N 12  
A "C1'"  C N R 13  
A N9     N Y N 14  
A C8     C Y N 15  
A N7     N Y N 16  
A C5     C Y N 17  
A C6     C Y N 18  
A N6     N N N 19  
A N1     N Y N 20  
A C2     C Y N 21  
A N3     N Y N 22  
A C4     C Y N 23  
A HOP3   H N N 24  
A HOP2   H N N 25  
A "H5'"  H N N 26  
A "H5''" H N N 27  
A "H4'"  H N N 28  
A "H3'"  H N N 29  
A "HO3'" H N N 30  
A "H2'"  H N N 31  
A "HO2'" H N N 32  
A "H1'"  H N N 33  
A H8     H N N 34  
A H61    H N N 35  
A H62    H N N 36  
A H2     H N N 37  
C OP3    O N N 38  
C P      P N N 39  
C OP1    O N N 40  
C OP2    O N N 41  
C "O5'"  O N N 42  
C "C5'"  C N N 43  
C "C4'"  C N R 44  
C "O4'"  O N N 45  
C "C3'"  C N S 46  
C "O3'"  O N N 47  
C "C2'"  C N R 48  
C "O2'"  O N N 49  
C "C1'"  C N R 50  
C N1     N N N 51  
C C2     C N N 52  
C O2     O N N 53  
C N3     N N N 54  
C C4     C N N 55  
C N4     N N N 56  
C C5     C N N 57  
C C6     C N N 58  
C HOP3   H N N 59  
C HOP2   H N N 60  
C "H5'"  H N N 61  
C "H5''" H N N 62  
C "H4'"  H N N 63  
C "H3'"  H N N 64  
C "HO3'" H N N 65  
C "H2'"  H N N 66  
C "HO2'" H N N 67  
C "H1'"  H N N 68  
C H41    H N N 69  
C H42    H N N 70  
C H5     H N N 71  
C H6     H N N 72  
G OP3    O N N 73  
G P      P N N 74  
G OP1    O N N 75  
G OP2    O N N 76  
G "O5'"  O N N 77  
G "C5'"  C N N 78  
G "C4'"  C N R 79  
G "O4'"  O N N 80  
G "C3'"  C N S 81  
G "O3'"  O N N 82  
G "C2'"  C N R 83  
G "O2'"  O N N 84  
G "C1'"  C N R 85  
G N9     N Y N 86  
G C8     C Y N 87  
G N7     N Y N 88  
G C5     C Y N 89  
G C6     C N N 90  
G O6     O N N 91  
G N1     N N N 92  
G C2     C N N 93  
G N2     N N N 94  
G N3     N N N 95  
G C4     C Y N 96  
G HOP3   H N N 97  
G HOP2   H N N 98  
G "H5'"  H N N 99  
G "H5''" H N N 100 
G "H4'"  H N N 101 
G "H3'"  H N N 102 
G "HO3'" H N N 103 
G "H2'"  H N N 104 
G "HO2'" H N N 105 
G "H1'"  H N N 106 
G H8     H N N 107 
G H1     H N N 108 
G H21    H N N 109 
G H22    H N N 110 
U OP3    O N N 111 
U P      P N N 112 
U OP1    O N N 113 
U OP2    O N N 114 
U "O5'"  O N N 115 
U "C5'"  C N N 116 
U "C4'"  C N R 117 
U "O4'"  O N N 118 
U "C3'"  C N S 119 
U "O3'"  O N N 120 
U "C2'"  C N R 121 
U "O2'"  O N N 122 
U "C1'"  C N R 123 
U N1     N N N 124 
U C2     C N N 125 
U O2     O N N 126 
U N3     N N N 127 
U C4     C N N 128 
U O4     O N N 129 
U C5     C N N 130 
U C6     C N N 131 
U HOP3   H N N 132 
U HOP2   H N N 133 
U "H5'"  H N N 134 
U "H5''" H N N 135 
U "H4'"  H N N 136 
U "H3'"  H N N 137 
U "HO3'" H N N 138 
U "H2'"  H N N 139 
U "HO2'" H N N 140 
U "H1'"  H N N 141 
U H3     H N N 142 
U H5     H N N 143 
U H6     H N N 144 
# 
loop_
_chem_comp_bond.comp_id 
_chem_comp_bond.atom_id_1 
_chem_comp_bond.atom_id_2 
_chem_comp_bond.value_order 
_chem_comp_bond.pdbx_aromatic_flag 
_chem_comp_bond.pdbx_stereo_config 
_chem_comp_bond.pdbx_ordinal 
A OP3   P      sing N N 1   
A OP3   HOP3   sing N N 2   
A P     OP1    doub N N 3   
A P     OP2    sing N N 4   
A P     "O5'"  sing N N 5   
A OP2   HOP2   sing N N 6   
A "O5'" "C5'"  sing N N 7   
A "C5'" "C4'"  sing N N 8   
A "C5'" "H5'"  sing N N 9   
A "C5'" "H5''" sing N N 10  
A "C4'" "O4'"  sing N N 11  
A "C4'" "C3'"  sing N N 12  
A "C4'" "H4'"  sing N N 13  
A "O4'" "C1'"  sing N N 14  
A "C3'" "O3'"  sing N N 15  
A "C3'" "C2'"  sing N N 16  
A "C3'" "H3'"  sing N N 17  
A "O3'" "HO3'" sing N N 18  
A "C2'" "O2'"  sing N N 19  
A "C2'" "C1'"  sing N N 20  
A "C2'" "H2'"  sing N N 21  
A "O2'" "HO2'" sing N N 22  
A "C1'" N9     sing N N 23  
A "C1'" "H1'"  sing N N 24  
A N9    C8     sing Y N 25  
A N9    C4     sing Y N 26  
A C8    N7     doub Y N 27  
A C8    H8     sing N N 28  
A N7    C5     sing Y N 29  
A C5    C6     sing Y N 30  
A C5    C4     doub Y N 31  
A C6    N6     sing N N 32  
A C6    N1     doub Y N 33  
A N6    H61    sing N N 34  
A N6    H62    sing N N 35  
A N1    C2     sing Y N 36  
A C2    N3     doub Y N 37  
A C2    H2     sing N N 38  
A N3    C4     sing Y N 39  
C OP3   P      sing N N 40  
C OP3   HOP3   sing N N 41  
C P     OP1    doub N N 42  
C P     OP2    sing N N 43  
C P     "O5'"  sing N N 44  
C OP2   HOP2   sing N N 45  
C "O5'" "C5'"  sing N N 46  
C "C5'" "C4'"  sing N N 47  
C "C5'" "H5'"  sing N N 48  
C "C5'" "H5''" sing N N 49  
C "C4'" "O4'"  sing N N 50  
C "C4'" "C3'"  sing N N 51  
C "C4'" "H4'"  sing N N 52  
C "O4'" "C1'"  sing N N 53  
C "C3'" "O3'"  sing N N 54  
C "C3'" "C2'"  sing N N 55  
C "C3'" "H3'"  sing N N 56  
C "O3'" "HO3'" sing N N 57  
C "C2'" "O2'"  sing N N 58  
C "C2'" "C1'"  sing N N 59  
C "C2'" "H2'"  sing N N 60  
C "O2'" "HO2'" sing N N 61  
C "C1'" N1     sing N N 62  
C "C1'" "H1'"  sing N N 63  
C N1    C2     sing N N 64  
C N1    C6     sing N N 65  
C C2    O2     doub N N 66  
C C2    N3     sing N N 67  
C N3    C4     doub N N 68  
C C4    N4     sing N N 69  
C C4    C5     sing N N 70  
C N4    H41    sing N N 71  
C N4    H42    sing N N 72  
C C5    C6     doub N N 73  
C C5    H5     sing N N 74  
C C6    H6     sing N N 75  
G OP3   P      sing N N 76  
G OP3   HOP3   sing N N 77  
G P     OP1    doub N N 78  
G P     OP2    sing N N 79  
G P     "O5'"  sing N N 80  
G OP2   HOP2   sing N N 81  
G "O5'" "C5'"  sing N N 82  
G "C5'" "C4'"  sing N N 83  
G "C5'" "H5'"  sing N N 84  
G "C5'" "H5''" sing N N 85  
G "C4'" "O4'"  sing N N 86  
G "C4'" "C3'"  sing N N 87  
G "C4'" "H4'"  sing N N 88  
G "O4'" "C1'"  sing N N 89  
G "C3'" "O3'"  sing N N 90  
G "C3'" "C2'"  sing N N 91  
G "C3'" "H3'"  sing N N 92  
G "O3'" "HO3'" sing N N 93  
G "C2'" "O2'"  sing N N 94  
G "C2'" "C1'"  sing N N 95  
G "C2'" "H2'"  sing N N 96  
G "O2'" "HO2'" sing N N 97  
G "C1'" N9     sing N N 98  
G "C1'" "H1'"  sing N N 99  
G N9    C8     sing Y N 100 
G N9    C4     sing Y N 101 
G C8    N7     doub Y N 102 
G C8    H8     sing N N 103 
G N7    C5     sing Y N 104 
G C5    C6     sing N N 105 
G C5    C4     doub Y N 106 
G C6    O6     doub N N 107 
G C6    N1     sing N N 108 
G N1    C2     sing N N 109 
G N1    H1     sing N N 110 
G C2    N2     sing N N 111 
G C2    N3     doub N N 112 
G N2    H21    sing N N 113 
G N2    H22    sing N N 114 
G N3    C4     sing N N 115 
U OP3   P      sing N N 116 
U OP3   HOP3   sing N N 117 
U P     OP1    doub N N 118 
U P     OP2    sing N N 119 
U P     "O5'"  sing N N 120 
U OP2   HOP2   sing N N 121 
U "O5'" "C5'"  sing N N 122 
U "C5'" "C4'"  sing N N 123 
U "C5'" "H5'"  sing N N 124 
U "C5'" "H5''" sing N N 125 
U "C4'" "O4'"  sing N N 126 
U "C4'" "C3'"  sing N N 127 
U "C4'" "H4'"  sing N N 128 
U "O4'" "C1'"  sing N N 129 
U "C3'" "O3'"  sing N N 130 
U "C3'" "C2'"  sing N N 131 
U "C3'" "H3'"  sing N N 132 
U "O3'" "HO3'" sing N N 133 
U "C2'" "O2'"  sing N N 134 
U "C2'" "C1'"  sing N N 135 
U "C2'" "H2'"  sing N N 136 
U "O2'" "HO2'" sing N N 137 
U "C1'" N1     sing N N 138 
U "C1'" "H1'"  sing N N 139 
U N1    C2     sing N N 140 
U N1    C6     sing N N 141 
U C2    O2     doub N N 142 
U C2    N3     sing N N 143 
U N3    C4     sing N N 144 
U N3    H3     sing N N 145 
U C4    O4     doub N N 146 
U C4    C5     sing N N 147 
U C5    C6     doub N N 148 
U C5    H5     sing N N 149 
U C6    H6     sing N N 150 
# 
loop_
_ndb_struct_conf_na.entry_id 
_ndb_struct_conf_na.feature 
1AJT 'double helix'         
1AJT 'a-form double helix'  
1AJT 'bulge loop'           
1AJT 'mismatched base pair' 
# 
loop_
_ndb_struct_na_base_pair.model_number 
_ndb_struct_na_base_pair.i_label_asym_id 
_ndb_struct_na_base_pair.i_label_comp_id 
_ndb_struct_na_base_pair.i_label_seq_id 
_ndb_struct_na_base_pair.i_symmetry 
_ndb_struct_na_base_pair.j_label_asym_id 
_ndb_struct_na_base_pair.j_label_comp_id 
_ndb_struct_na_base_pair.j_label_seq_id 
_ndb_struct_na_base_pair.j_symmetry 
_ndb_struct_na_base_pair.shear 
_ndb_struct_na_base_pair.stretch 
_ndb_struct_na_base_pair.stagger 
_ndb_struct_na_base_pair.buckle 
_ndb_struct_na_base_pair.propeller 
_ndb_struct_na_base_pair.opening 
_ndb_struct_na_base_pair.pair_number 
_ndb_struct_na_base_pair.pair_name 
_ndb_struct_na_base_pair.i_auth_asym_id 
_ndb_struct_na_base_pair.i_auth_seq_id 
_ndb_struct_na_base_pair.i_PDB_ins_code 
_ndb_struct_na_base_pair.j_auth_asym_id 
_ndb_struct_na_base_pair.j_auth_seq_id 
_ndb_struct_na_base_pair.j_PDB_ins_code 
_ndb_struct_na_base_pair.hbond_type_28 
_ndb_struct_na_base_pair.hbond_type_12 
1 A G 1  1_555 B C 7 1_555 -0.578 -0.463 -0.097 25.736 -22.649 8.013  1 A_G2:C24_B  A 2  ? B 24 ? 19 1 
1 A G 2  1_555 B C 6 1_555 -0.635 -0.505 -0.635 -2.209 -26.603 6.016  2 A_G3:C23_B  A 3  ? B 23 ? 19 1 
1 A U 3  1_555 B A 5 1_555 4.459  -0.995 0.025  5.285  -16.998 0.263  3 A_U4:A22_B  A 4  ? B 22 ? ?  ? 
1 A G 9  1_555 B U 4 1_555 -2.407 -0.426 -0.449 36.199 8.297   6.087  4 A_G10:U21_B A 10 ? B 21 ? 28 1 
1 A C 10 1_555 B G 3 1_555 0.234  -0.172 -0.536 42.663 -23.155 -4.727 5 A_C11:G20_B A 11 ? B 20 ? 19 1 
1 A U 11 1_555 B A 2 1_555 -0.021 -0.049 -0.443 20.394 -10.528 -9.375 6 A_U12:A19_B A 12 ? B 19 ? 20 1 
1 A C 12 1_555 B G 1 1_555 0.513  -0.329 -0.444 22.605 -20.115 -2.922 7 A_C13:G18_B A 13 ? B 18 ? 19 1 
# 
loop_
_ndb_struct_na_base_pair_step.model_number 
_ndb_struct_na_base_pair_step.i_label_asym_id_1 
_ndb_struct_na_base_pair_step.i_label_comp_id_1 
_ndb_struct_na_base_pair_step.i_label_seq_id_1 
_ndb_struct_na_base_pair_step.i_symmetry_1 
_ndb_struct_na_base_pair_step.j_label_asym_id_1 
_ndb_struct_na_base_pair_step.j_label_comp_id_1 
_ndb_struct_na_base_pair_step.j_label_seq_id_1 
_ndb_struct_na_base_pair_step.j_symmetry_1 
_ndb_struct_na_base_pair_step.i_label_asym_id_2 
_ndb_struct_na_base_pair_step.i_label_comp_id_2 
_ndb_struct_na_base_pair_step.i_label_seq_id_2 
_ndb_struct_na_base_pair_step.i_symmetry_2 
_ndb_struct_na_base_pair_step.j_label_asym_id_2 
_ndb_struct_na_base_pair_step.j_label_comp_id_2 
_ndb_struct_na_base_pair_step.j_label_seq_id_2 
_ndb_struct_na_base_pair_step.j_symmetry_2 
_ndb_struct_na_base_pair_step.shift 
_ndb_struct_na_base_pair_step.slide 
_ndb_struct_na_base_pair_step.rise 
_ndb_struct_na_base_pair_step.tilt 
_ndb_struct_na_base_pair_step.roll 
_ndb_struct_na_base_pair_step.twist 
_ndb_struct_na_base_pair_step.x_displacement 
_ndb_struct_na_base_pair_step.y_displacement 
_ndb_struct_na_base_pair_step.helical_rise 
_ndb_struct_na_base_pair_step.inclination 
_ndb_struct_na_base_pair_step.tip 
_ndb_struct_na_base_pair_step.helical_twist 
_ndb_struct_na_base_pair_step.step_number 
_ndb_struct_na_base_pair_step.step_name 
_ndb_struct_na_base_pair_step.i_auth_asym_id_1 
_ndb_struct_na_base_pair_step.i_auth_seq_id_1 
_ndb_struct_na_base_pair_step.i_PDB_ins_code_1 
_ndb_struct_na_base_pair_step.j_auth_asym_id_1 
_ndb_struct_na_base_pair_step.j_auth_seq_id_1 
_ndb_struct_na_base_pair_step.j_PDB_ins_code_1 
_ndb_struct_na_base_pair_step.i_auth_asym_id_2 
_ndb_struct_na_base_pair_step.i_auth_seq_id_2 
_ndb_struct_na_base_pair_step.i_PDB_ins_code_2 
_ndb_struct_na_base_pair_step.j_auth_asym_id_2 
_ndb_struct_na_base_pair_step.j_auth_seq_id_2 
_ndb_struct_na_base_pair_step.j_PDB_ins_code_2 
1 A G 1  1_555 B C 7 1_555 A G 2  1_555 B C 6 1_555 -1.329 0.310  4.107 -0.569 31.653 33.639 -3.241 1.640  3.273 44.409 0.799  
45.877 1 AA_G2G3:C23C24_BB   A 2  ? B 24 ? A 3  ? B 23 ? 
1 A G 2  1_555 B C 6 1_555 A U 3  1_555 B A 5 1_555 0.991  0.072  2.964 -1.913 7.569  53.649 -0.341 -1.194 2.915 8.337  2.107  
54.172 2 AA_G3U4:A22C23_BB   A 3  ? B 23 ? A 4  ? B 22 ? 
1 A G 9  1_555 B U 4 1_555 A C 10 1_555 B G 3 1_555 -1.877 -0.204 3.420 2.859  18.861 39.247 -2.140 2.817  2.897 26.279 -3.983 
43.472 3 AA_G10C11:G20U21_BB A 10 ? B 21 ? A 11 ? B 20 ? 
1 A C 10 1_555 B G 3 1_555 A U 11 1_555 B A 2 1_555 -1.243 -1.138 3.920 -1.175 27.311 32.535 -4.663 1.591  2.364 40.925 1.760  
42.256 4 AA_C11U12:A19G20_BB A 11 ? B 20 ? A 12 ? B 19 ? 
1 A U 11 1_555 B A 2 1_555 A C 12 1_555 B G 1 1_555 1.414  -0.722 3.046 3.790  13.027 38.733 -2.342 -1.639 2.792 18.948 -5.513 
40.954 5 AA_U12C13:G18A19_BB A 12 ? B 19 ? A 13 ? B 18 ? 
# 
loop_
_pdbx_nmr_spectrometer.spectrometer_id 
_pdbx_nmr_spectrometer.model 
_pdbx_nmr_spectrometer.manufacturer 
_pdbx_nmr_spectrometer.field_strength 
1 AMX300 Bruker 300 
2 AMX600 Bruker 500 
3 GN500  GE     500 
# 
_atom_sites.entry_id                    1AJT 
_atom_sites.fract_transf_matrix[1][1]   1.000000 
_atom_sites.fract_transf_matrix[1][2]   0.000000 
_atom_sites.fract_transf_matrix[1][3]   0.000000 
_atom_sites.fract_transf_matrix[2][1]   0.000000 
_atom_sites.fract_transf_matrix[2][2]   1.000000 
_atom_sites.fract_transf_matrix[2][3]   0.000000 
_atom_sites.fract_transf_matrix[3][1]   0.000000 
_atom_sites.fract_transf_matrix[3][2]   0.000000 
_atom_sites.fract_transf_matrix[3][3]   1.000000 
_atom_sites.fract_transf_vector[1]      0.00000 
_atom_sites.fract_transf_vector[2]      0.00000 
_atom_sites.fract_transf_vector[3]      0.00000 
# 
loop_
_atom_type.symbol 
C 
H 
N 
O 
P 
# 
loop_
_atom_site.group_PDB 
_atom_site.id 
_atom_site.type_symbol 
_atom_site.label_atom_id 
_atom_site.label_alt_id 
_atom_site.label_comp_id 
_atom_site.label_asym_id 
_atom_site.label_entity_id 
_atom_site.label_seq_id 
_atom_site.pdbx_PDB_ins_code 
_atom_site.Cartn_x 
_atom_site.Cartn_y 
_atom_site.Cartn_z 
_atom_site.occupancy 
_atom_site.B_iso_or_equiv 
_atom_site.pdbx_formal_charge 
_atom_site.auth_seq_id 
_atom_site.auth_comp_id 
_atom_site.auth_asym_id 
_atom_site.auth_atom_id 
_atom_site.pdbx_PDB_model_num 
ATOM 1   O "O5'"  . G A 1 1  ? -0.521  11.409  3.845   1.00 0.00 ? 2  G A "O5'"  1 
ATOM 2   C "C5'"  . G A 1 1  ? -0.523  12.435  4.842   1.00 0.00 ? 2  G A "C5'"  1 
ATOM 3   C "C4'"  . G A 1 1  ? -0.835  11.873  6.225   1.00 0.00 ? 2  G A "C4'"  1 
ATOM 4   O "O4'"  . G A 1 1  ? -2.086  11.180  6.188   1.00 0.00 ? 2  G A "O4'"  1 
ATOM 5   C "C3'"  . G A 1 1  ? 0.126   10.813  6.722   1.00 0.00 ? 2  G A "C3'"  1 
ATOM 6   O "O3'"  . G A 1 1  ? 1.215   11.492  7.372   1.00 0.00 ? 2  G A "O3'"  1 
ATOM 7   C "C2'"  . G A 1 1  ? -0.699  10.114  7.796   1.00 0.00 ? 2  G A "C2'"  1 
ATOM 8   O "O2'"  . G A 1 1  ? -0.660  10.839  9.029   1.00 0.00 ? 2  G A "O2'"  1 
ATOM 9   C "C1'"  . G A 1 1  ? -2.108  10.151  7.196   1.00 0.00 ? 2  G A "C1'"  1 
ATOM 10  N N9     . G A 1 1  ? -2.476  8.867   6.573   1.00 0.00 ? 2  G A N9     1 
ATOM 11  C C8     . G A 1 1  ? -1.907  8.247   5.495   1.00 0.00 ? 2  G A C8     1 
ATOM 12  N N7     . G A 1 1  ? -2.456  7.101   5.197   1.00 0.00 ? 2  G A N7     1 
ATOM 13  C C5     . G A 1 1  ? -3.459  6.953   6.150   1.00 0.00 ? 2  G A C5     1 
ATOM 14  C C6     . G A 1 1  ? -4.398  5.900   6.340   1.00 0.00 ? 2  G A C6     1 
ATOM 15  O O6     . G A 1 1  ? -4.540  4.865   5.689   1.00 0.00 ? 2  G A O6     1 
ATOM 16  N N1     . G A 1 1  ? -5.226  6.149   7.416   1.00 0.00 ? 2  G A N1     1 
ATOM 17  C C2     . G A 1 1  ? -5.173  7.262   8.214   1.00 0.00 ? 2  G A C2     1 
ATOM 18  N N2     . G A 1 1  ? -6.040  7.327   9.213   1.00 0.00 ? 2  G A N2     1 
ATOM 19  N N3     . G A 1 1  ? -4.305  8.256   8.050   1.00 0.00 ? 2  G A N3     1 
ATOM 20  C C4     . G A 1 1  ? -3.479  8.034   6.999   1.00 0.00 ? 2  G A C4     1 
ATOM 21  H "H5'"  . G A 1 1  ? -1.274  13.181  4.584   1.00 0.00 ? 2  G A "H5'"  1 
ATOM 22  H "H5''" . G A 1 1  ? 0.458   12.910  4.865   1.00 0.00 ? 2  G A "H5''" 1 
ATOM 23  H "H4'"  . G A 1 1  ? -0.903  12.695  6.938   1.00 0.00 ? 2  G A "H4'"  1 
ATOM 24  H "H3'"  . G A 1 1  ? 0.472   10.139  5.937   1.00 0.00 ? 2  G A "H3'"  1 
ATOM 25  H "H2'"  . G A 1 1  ? -0.368  9.086   7.929   1.00 0.00 ? 2  G A "H2'"  1 
ATOM 26  H "HO2'" . G A 1 1  ? -0.001  10.417  9.588   1.00 0.00 ? 2  G A "HO2'" 1 
ATOM 27  H "H1'"  . G A 1 1  ? -2.846  10.408  7.957   1.00 0.00 ? 2  G A "H1'"  1 
ATOM 28  H H8     . G A 1 1  ? -1.061  8.664   4.950   1.00 0.00 ? 2  G A H8     1 
ATOM 29  H H1     . G A 1 1  ? -5.920  5.453   7.626   1.00 0.00 ? 2  G A H1     1 
ATOM 30  H H21    . G A 1 1  ? -6.649  6.546   9.405   1.00 0.00 ? 2  G A H21    1 
ATOM 31  H H22    . G A 1 1  ? -6.086  8.157   9.784   1.00 0.00 ? 2  G A H22    1 
ATOM 32  H "HO5'" . G A 1 1  ? -1.296  10.863  3.997   1.00 0.00 ? 2  G A "HO5'" 1 
ATOM 33  P P      . G A 1 2  ? 2.440   10.671  8.029   1.00 0.00 ? 3  G A P      1 
ATOM 34  O OP1    . G A 1 2  ? 3.518   11.629  8.358   1.00 0.00 ? 3  G A OP1    1 
ATOM 35  O OP2    . G A 1 2  ? 2.730   9.498   7.174   1.00 0.00 ? 3  G A OP2    1 
ATOM 36  O "O5'"  . G A 1 2  ? 1.798   10.132  9.415   1.00 0.00 ? 3  G A "O5'"  1 
ATOM 37  C "C5'"  . G A 1 2  ? 1.745   10.905  10.645  1.00 0.00 ? 3  G A "C5'"  1 
ATOM 38  C "C4'"  . G A 1 2  ? 1.752   9.930   11.820  1.00 0.00 ? 3  G A "C4'"  1 
ATOM 39  O "O4'"  . G A 1 2  ? 0.528   9.181   11.778  1.00 0.00 ? 3  G A "O4'"  1 
ATOM 40  C "C3'"  . G A 1 2  ? 2.859   8.934   11.581  1.00 0.00 ? 3  G A "C3'"  1 
ATOM 41  O "O3'"  . G A 1 2  ? 3.993   9.170   12.430  1.00 0.00 ? 3  G A "O3'"  1 
ATOM 42  C "C2'"  . G A 1 2  ? 2.266   7.635   12.127  1.00 0.00 ? 3  G A "C2'"  1 
ATOM 43  O "O2'"  . G A 1 2  ? 2.472   7.540   13.543  1.00 0.00 ? 3  G A "O2'"  1 
ATOM 44  C "C1'"  . G A 1 2  ? 0.782   7.773   11.825  1.00 0.00 ? 3  G A "C1'"  1 
ATOM 45  N N9     . G A 1 2  ? 0.418   7.166   10.529  1.00 0.00 ? 3  G A N9     1 
ATOM 46  C C8     . G A 1 2  ? 0.796   7.550   9.270   1.00 0.00 ? 3  G A C8     1 
ATOM 47  N N7     . G A 1 2  ? 0.316   6.796   8.322   1.00 0.00 ? 3  G A N7     1 
ATOM 48  C C5     . G A 1 2  ? -0.433  5.842   9.002   1.00 0.00 ? 3  G A C5     1 
ATOM 49  C C6     . G A 1 2  ? -1.194  4.749   8.501   1.00 0.00 ? 3  G A C6     1 
ATOM 50  O O6     . G A 1 2  ? -1.361  4.403   7.335   1.00 0.00 ? 3  G A O6     1 
ATOM 51  N N1     . G A 1 2  ? -1.791  4.037   9.523   1.00 0.00 ? 3  G A N1     1 
ATOM 52  C C2     . G A 1 2  ? -1.680  4.328   10.858  1.00 0.00 ? 3  G A C2     1 
ATOM 53  N N2     . G A 1 2  ? -2.317  3.529   11.701  1.00 0.00 ? 3  G A N2     1 
ATOM 54  N N3     . G A 1 2  ? -0.975  5.347   11.344  1.00 0.00 ? 3  G A N3     1 
ATOM 55  C C4     . G A 1 2  ? -0.378  6.060   10.358  1.00 0.00 ? 3  G A C4     1 
ATOM 56  H "H5'"  . G A 1 2  ? 0.836   11.507  10.668  1.00 0.00 ? 3  G A "H5'"  1 
ATOM 57  H "H5''" . G A 1 2  ? 2.618   11.557  10.705  1.00 0.00 ? 3  G A "H5''" 1 
ATOM 58  H "H4'"  . G A 1 2  ? 1.857   10.457  12.769  1.00 0.00 ? 3  G A "H4'"  1 
ATOM 59  H "H3'"  . G A 1 2  ? 3.148   8.856   10.532  1.00 0.00 ? 3  G A "H3'"  1 
ATOM 60  H "H2'"  . G A 1 2  ? 2.686   6.769   11.617  1.00 0.00 ? 3  G A "H2'"  1 
ATOM 61  H "HO2'" . G A 1 2  ? 2.327   6.623   13.789  1.00 0.00 ? 3  G A "HO2'" 1 
ATOM 62  H "H1'"  . G A 1 2  ? 0.180   7.325   12.615  1.00 0.00 ? 3  G A "H1'"  1 
ATOM 63  H H8     . G A 1 2  ? 1.440   8.408   9.079   1.00 0.00 ? 3  G A H8     1 
ATOM 64  H H1     . G A 1 2  ? -2.346  3.241   9.258   1.00 0.00 ? 3  G A H1     1 
ATOM 65  H H21    . G A 1 2  ? -2.793  2.706   11.359  1.00 0.00 ? 3  G A H21    1 
ATOM 66  H H22    . G A 1 2  ? -2.324  3.743   12.687  1.00 0.00 ? 3  G A H22    1 
ATOM 67  P P      . U A 1 3  ? 5.443   8.568   12.056  1.00 0.00 ? 4  U A P      1 
ATOM 68  O OP1    . U A 1 3  ? 6.360   8.829   13.189  1.00 0.00 ? 4  U A OP1    1 
ATOM 69  O OP2    . U A 1 3  ? 5.798   9.037   10.698  1.00 0.00 ? 4  U A OP2    1 
ATOM 70  O "O5'"  . U A 1 3  ? 5.170   6.978   11.979  1.00 0.00 ? 4  U A "O5'"  1 
ATOM 71  C "C5'"  . U A 1 3  ? 4.941   6.208   13.169  1.00 0.00 ? 4  U A "C5'"  1 
ATOM 72  C "C4'"  . U A 1 3  ? 4.290   4.859   12.857  1.00 0.00 ? 4  U A "C4'"  1 
ATOM 73  O "O4'"  . U A 1 3  ? 3.097   5.078   12.092  1.00 0.00 ? 4  U A "O4'"  1 
ATOM 74  C "C3'"  . U A 1 3  ? 5.117   3.932   11.984  1.00 0.00 ? 4  U A "C3'"  1 
ATOM 75  O "O3'"  . U A 1 3  ? 5.910   3.119   12.861  1.00 0.00 ? 4  U A "O3'"  1 
ATOM 76  C "C2'"  . U A 1 3  ? 4.052   3.041   11.360  1.00 0.00 ? 4  U A "C2'"  1 
ATOM 77  O "O2'"  . U A 1 3  ? 3.620   2.038   12.285  1.00 0.00 ? 4  U A "O2'"  1 
ATOM 78  C "C1'"  . U A 1 3  ? 2.934   4.050   11.097  1.00 0.00 ? 4  U A "C1'"  1 
ATOM 79  N N1     . U A 1 3  ? 3.034   4.667   9.757   1.00 0.00 ? 4  U A N1     1 
ATOM 80  C C2     . U A 1 3  ? 2.274   4.119   8.742   1.00 0.00 ? 4  U A C2     1 
ATOM 81  O O2     . U A 1 3  ? 1.525   3.163   8.917   1.00 0.00 ? 4  U A O2     1 
ATOM 82  N N3     . U A 1 3  ? 2.398   4.710   7.505   1.00 0.00 ? 4  U A N3     1 
ATOM 83  C C4     . U A 1 3  ? 3.201   5.786   7.195   1.00 0.00 ? 4  U A C4     1 
ATOM 84  O O4     . U A 1 3  ? 3.227   6.217   6.048   1.00 0.00 ? 4  U A O4     1 
ATOM 85  C C5     . U A 1 3  ? 3.965   6.308   8.304   1.00 0.00 ? 4  U A C5     1 
ATOM 86  C C6     . U A 1 3  ? 3.858   5.741   9.529   1.00 0.00 ? 4  U A C6     1 
ATOM 87  H "H5'"  . U A 1 3  ? 4.287   6.771   13.836  1.00 0.00 ? 4  U A "H5'"  1 
ATOM 88  H "H5''" . U A 1 3  ? 5.893   6.034   13.670  1.00 0.00 ? 4  U A "H5''" 1 
ATOM 89  H "H4'"  . U A 1 3  ? 4.026   4.368   13.795  1.00 0.00 ? 4  U A "H4'"  1 
ATOM 90  H "H3'"  . U A 1 3  ? 5.726   4.458   11.247  1.00 0.00 ? 4  U A "H3'"  1 
ATOM 91  H "H2'"  . U A 1 3  ? 4.405   2.595   10.430  1.00 0.00 ? 4  U A "H2'"  1 
ATOM 92  H "HO2'" . U A 1 3  ? 4.250   1.313   12.232  1.00 0.00 ? 4  U A "HO2'" 1 
ATOM 93  H "H1'"  . U A 1 3  ? 1.954   3.586   11.212  1.00 0.00 ? 4  U A "H1'"  1 
ATOM 94  H H3     . U A 1 3  ? 1.848   4.321   6.756   1.00 0.00 ? 4  U A H3     1 
ATOM 95  H H5     . U A 1 3  ? 4.628   7.161   8.154   1.00 0.00 ? 4  U A H5     1 
ATOM 96  H H6     . U A 1 3  ? 4.440   6.149   10.355  1.00 0.00 ? 4  U A H6     1 
ATOM 97  P P      . A A 1 4  ? 6.973   2.060   12.273  1.00 0.00 ? 5  A A P      1 
ATOM 98  O OP1    . A A 1 4  ? 7.746   1.502   13.406  1.00 0.00 ? 5  A A OP1    1 
ATOM 99  O OP2    . A A 1 4  ? 7.682   2.698   11.140  1.00 0.00 ? 5  A A OP2    1 
ATOM 100 O "O5'"  . A A 1 4  ? 6.023   0.896   11.688  1.00 0.00 ? 5  A A "O5'"  1 
ATOM 101 C "C5'"  . A A 1 4  ? 6.423   0.135   10.542  1.00 0.00 ? 5  A A "C5'"  1 
ATOM 102 C "C4'"  . A A 1 4  ? 5.268   -0.680  9.969   1.00 0.00 ? 5  A A "C4'"  1 
ATOM 103 O "O4'"  . A A 1 4  ? 4.237   0.204   9.518   1.00 0.00 ? 5  A A "O4'"  1 
ATOM 104 C "C3'"  . A A 1 4  ? 5.610   -1.468  8.723   1.00 0.00 ? 5  A A "C3'"  1 
ATOM 105 O "O3'"  . A A 1 4  ? 6.113   -2.746  9.140   1.00 0.00 ? 5  A A "O3'"  1 
ATOM 106 C "C2'"  . A A 1 4  ? 4.241   -1.700  8.098   1.00 0.00 ? 5  A A "C2'"  1 
ATOM 107 O "O2'"  . A A 1 4  ? 3.579   -2.814  8.708   1.00 0.00 ? 5  A A "O2'"  1 
ATOM 108 C "C1'"  . A A 1 4  ? 3.513   -0.398  8.425   1.00 0.00 ? 5  A A "C1'"  1 
ATOM 109 N N9     . A A 1 4  ? 3.514   0.526   7.279   1.00 0.00 ? 5  A A N9     1 
ATOM 110 C C8     . A A 1 4  ? 4.092   1.758   7.181   1.00 0.00 ? 5  A A C8     1 
ATOM 111 N N7     . A A 1 4  ? 3.914   2.332   6.021   1.00 0.00 ? 5  A A N7     1 
ATOM 112 C C5     . A A 1 4  ? 3.163   1.402   5.306   1.00 0.00 ? 5  A A C5     1 
ATOM 113 C C6     . A A 1 4  ? 2.640   1.397   4.003   1.00 0.00 ? 5  A A C6     1 
ATOM 114 N N6     . A A 1 4  ? 2.793   2.399   3.143   1.00 0.00 ? 5  A A N6     1 
ATOM 115 N N1     . A A 1 4  ? 1.947   0.317   3.612   1.00 0.00 ? 5  A A N1     1 
ATOM 116 C C2     . A A 1 4  ? 1.786   -0.689  4.462   1.00 0.00 ? 5  A A C2     1 
ATOM 117 N N3     . A A 1 4  ? 2.223   -0.805  5.708   1.00 0.00 ? 5  A A N3     1 
ATOM 118 C C4     . A A 1 4  ? 2.915   0.297   6.066   1.00 0.00 ? 5  A A C4     1 
ATOM 119 H "H5'"  . A A 1 4  ? 7.227   -0.543  10.828  1.00 0.00 ? 5  A A "H5'"  1 
ATOM 120 H "H5''" . A A 1 4  ? 6.790   0.817   9.775   1.00 0.00 ? 5  A A "H5''" 1 
ATOM 121 H "H4'"  . A A 1 4  ? 4.869   -1.333  10.744  1.00 0.00 ? 5  A A "H4'"  1 
ATOM 122 H "H3'"  . A A 1 4  ? 6.303   -0.949  8.062   1.00 0.00 ? 5  A A "H3'"  1 
ATOM 123 H "H2'"  . A A 1 4  ? 4.323   -1.828  7.022   1.00 0.00 ? 5  A A "H2'"  1 
ATOM 124 H "HO2'" . A A 1 4  ? 2.786   -2.990  8.196   1.00 0.00 ? 5  A A "HO2'" 1 
ATOM 125 H "H1'"  . A A 1 4  ? 2.487   -0.592  8.735   1.00 0.00 ? 5  A A "H1'"  1 
ATOM 126 H H8     . A A 1 4  ? 4.668   2.203   7.986   1.00 0.00 ? 5  A A H8     1 
ATOM 127 H H61    . A A 1 4  ? 2.408   2.328   2.213   1.00 0.00 ? 5  A A H61    1 
ATOM 128 H H62    . A A 1 4  ? 3.292   3.231   3.421   1.00 0.00 ? 5  A A H62    1 
ATOM 129 H H2     . A A 1 4  ? 1.218   -1.539  4.084   1.00 0.00 ? 5  A A H2     1 
ATOM 130 P P      . A A 1 5  ? 6.995   -3.656  8.141   1.00 0.00 ? 6  A A P      1 
ATOM 131 O OP1    . A A 1 5  ? 7.152   -4.996  8.749   1.00 0.00 ? 6  A A OP1    1 
ATOM 132 O OP2    . A A 1 5  ? 8.196   -2.883  7.752   1.00 0.00 ? 6  A A OP2    1 
ATOM 133 O "O5'"  . A A 1 5  ? 6.049   -3.798  6.839   1.00 0.00 ? 6  A A "O5'"  1 
ATOM 134 C "C5'"  . A A 1 5  ? 4.909   -4.671  6.843   1.00 0.00 ? 6  A A "C5'"  1 
ATOM 135 C "C4'"  . A A 1 5  ? 4.408   -4.969  5.428   1.00 0.00 ? 6  A A "C4'"  1 
ATOM 136 O "O4'"  . A A 1 5  ? 4.032   -3.747  4.780   1.00 0.00 ? 6  A A "O4'"  1 
ATOM 137 C "C3'"  . A A 1 5  ? 5.440   -5.592  4.500   1.00 0.00 ? 6  A A "C3'"  1 
ATOM 138 O "O3'"  . A A 1 5  ? 4.721   -6.265  3.455   1.00 0.00 ? 6  A A "O3'"  1 
ATOM 139 C "C2'"  . A A 1 5  ? 6.128   -4.390  3.880   1.00 0.00 ? 6  A A "C2'"  1 
ATOM 140 O "O2'"  . A A 1 5  ? 6.660   -4.719  2.593   1.00 0.00 ? 6  A A "O2'"  1 
ATOM 141 C "C1'"  . A A 1 5  ? 4.979   -3.392  3.757   1.00 0.00 ? 6  A A "C1'"  1 
ATOM 142 N N9     . A A 1 5  ? 5.437   -2.022  4.018   1.00 0.00 ? 6  A A N9     1 
ATOM 143 C C8     . A A 1 5  ? 6.091   -1.560  5.123   1.00 0.00 ? 6  A A C8     1 
ATOM 144 N N7     . A A 1 5  ? 6.384   -0.290  5.068   1.00 0.00 ? 6  A A N7     1 
ATOM 145 C C5     . A A 1 5  ? 5.884   0.109   3.830   1.00 0.00 ? 6  A A C5     1 
ATOM 146 C C6     . A A 1 5  ? 5.871   1.342   3.161   1.00 0.00 ? 6  A A C6     1 
ATOM 147 N N6     . A A 1 5  ? 6.391   2.460   3.661   1.00 0.00 ? 6  A A N6     1 
ATOM 148 N N1     . A A 1 5  ? 5.297   1.391   1.951   1.00 0.00 ? 6  A A N1     1 
ATOM 149 C C2     . A A 1 5  ? 4.771   0.283   1.442   1.00 0.00 ? 6  A A C2     1 
ATOM 150 N N3     . A A 1 5  ? 4.717   -0.933  1.967   1.00 0.00 ? 6  A A N3     1 
ATOM 151 C C4     . A A 1 5  ? 5.303   -0.943  3.183   1.00 0.00 ? 6  A A C4     1 
ATOM 152 H "H5'"  . A A 1 5  ? 4.106   -4.203  7.412   1.00 0.00 ? 6  A A "H5'"  1 
ATOM 153 H "H5''" . A A 1 5  ? 5.184   -5.610  7.324   1.00 0.00 ? 6  A A "H5''" 1 
ATOM 154 H "H4'"  . A A 1 5  ? 3.530   -5.610  5.500   1.00 0.00 ? 6  A A "H4'"  1 
ATOM 155 H "H3'"  . A A 1 5  ? 6.129   -6.254  5.017   1.00 0.00 ? 6  A A "H3'"  1 
ATOM 156 H "H2'"  . A A 1 5  ? 6.905   -4.010  4.542   1.00 0.00 ? 6  A A "H2'"  1 
ATOM 157 H "HO2'" . A A 1 5  ? 6.085   -5.387  2.209   1.00 0.00 ? 6  A A "HO2'" 1 
ATOM 158 H "H1'"  . A A 1 5  ? 4.504   -3.446  2.777   1.00 0.00 ? 6  A A "H1'"  1 
ATOM 159 H H8     . A A 1 5  ? 6.353   -2.205  5.961   1.00 0.00 ? 6  A A H8     1 
ATOM 160 H H61    . A A 1 5  ? 6.367   3.313   3.122   1.00 0.00 ? 6  A A H61    1 
ATOM 161 H H62    . A A 1 5  ? 6.811   2.453   4.580   1.00 0.00 ? 6  A A H62    1 
ATOM 162 H H2     . A A 1 5  ? 4.325   0.386   0.454   1.00 0.00 ? 6  A A H2     1 
ATOM 163 P P      . U A 1 6  ? 4.900   -7.849  3.208   1.00 0.00 ? 7  U A P      1 
ATOM 164 O OP1    . U A 1 6  ? 3.693   -8.344  2.508   1.00 0.00 ? 7  U A OP1    1 
ATOM 165 O OP2    . U A 1 6  ? 5.315   -8.473  4.486   1.00 0.00 ? 7  U A OP2    1 
ATOM 166 O "O5'"  . U A 1 6  ? 6.144   -7.908  2.182   1.00 0.00 ? 7  U A "O5'"  1 
ATOM 167 C "C5'"  . U A 1 6  ? 7.416   -8.428  2.593   1.00 0.00 ? 7  U A "C5'"  1 
ATOM 168 C "C4'"  . U A 1 6  ? 8.469   -8.274  1.499   1.00 0.00 ? 7  U A "C4'"  1 
ATOM 169 O "O4'"  . U A 1 6  ? 8.720   -6.872  1.279   1.00 0.00 ? 7  U A "O4'"  1 
ATOM 170 C "C3'"  . U A 1 6  ? 9.838   -8.864  1.843   1.00 0.00 ? 7  U A "C3'"  1 
ATOM 171 O "O3'"  . U A 1 6  ? 10.491  -9.183  0.604   1.00 0.00 ? 7  U A "O3'"  1 
ATOM 172 C "C2'"  . U A 1 6  ? 10.574  -7.682  2.449   1.00 0.00 ? 7  U A "C2'"  1 
ATOM 173 O "O2'"  . U A 1 6  ? 11.992  -7.859  2.353   1.00 0.00 ? 7  U A "O2'"  1 
ATOM 174 C "C1'"  . U A 1 6  ? 10.098  -6.566  1.530   1.00 0.00 ? 7  U A "C1'"  1 
ATOM 175 N N1     . U A 1 6  ? 10.189  -5.229  2.155   1.00 0.00 ? 7  U A N1     1 
ATOM 176 C C2     . U A 1 6  ? 10.992  -4.287  1.537   1.00 0.00 ? 7  U A C2     1 
ATOM 177 O O2     . U A 1 6  ? 11.613  -4.520  0.505   1.00 0.00 ? 7  U A O2     1 
ATOM 178 N N3     . U A 1 6  ? 11.061  -3.058  2.150   1.00 0.00 ? 7  U A N3     1 
ATOM 179 C C4     . U A 1 6  ? 10.412  -2.686  3.307   1.00 0.00 ? 7  U A C4     1 
ATOM 180 O O4     . U A 1 6  ? 10.558  -1.554  3.754   1.00 0.00 ? 7  U A O4     1 
ATOM 181 C C5     . U A 1 6  ? 9.592   -3.719  3.897   1.00 0.00 ? 7  U A C5     1 
ATOM 182 C C6     . U A 1 6  ? 9.507   -4.938  3.309   1.00 0.00 ? 7  U A C6     1 
ATOM 183 H "H5'"  . U A 1 6  ? 7.306   -9.486  2.835   1.00 0.00 ? 7  U A "H5'"  1 
ATOM 184 H "H5''" . U A 1 6  ? 7.747   -7.893  3.484   1.00 0.00 ? 7  U A "H5''" 1 
ATOM 185 H "H4'"  . U A 1 6  ? 8.085   -8.713  0.578   1.00 0.00 ? 7  U A "H4'"  1 
ATOM 186 H "H3'"  . U A 1 6  ? 9.784   -9.728  2.505   1.00 0.00 ? 7  U A "H3'"  1 
ATOM 187 H "H2'"  . U A 1 6  ? 10.261  -7.510  3.479   1.00 0.00 ? 7  U A "H2'"  1 
ATOM 188 H "HO2'" . U A 1 6  ? 12.184  -8.108  1.445   1.00 0.00 ? 7  U A "HO2'" 1 
ATOM 189 H "H1'"  . U A 1 6  ? 10.651  -6.569  0.589   1.00 0.00 ? 7  U A "H1'"  1 
ATOM 190 H H3     . U A 1 6  ? 11.641  -2.362  1.710   1.00 0.00 ? 7  U A H3     1 
ATOM 191 H H5     . U A 1 6  ? 9.050   -3.521  4.821   1.00 0.00 ? 7  U A H5     1 
ATOM 192 H H6     . U A 1 6  ? 8.877   -5.703  3.762   1.00 0.00 ? 7  U A H6     1 
ATOM 193 P P      . A A 1 7  ? 10.470  -10.685 0.019   1.00 0.00 ? 8  A A P      1 
ATOM 194 O OP1    . A A 1 7  ? 10.456  -11.628 1.159   1.00 0.00 ? 8  A A OP1    1 
ATOM 195 O OP2    . A A 1 7  ? 11.528  -10.793 -1.012  1.00 0.00 ? 8  A A OP2    1 
ATOM 196 O "O5'"  . A A 1 7  ? 9.038   -10.762 -0.717  1.00 0.00 ? 8  A A "O5'"  1 
ATOM 197 C "C5'"  . A A 1 7  ? 8.795   -10.037 -1.929  1.00 0.00 ? 8  A A "C5'"  1 
ATOM 198 C "C4'"  . A A 1 7  ? 7.749   -10.730 -2.798  1.00 0.00 ? 8  A A "C4'"  1 
ATOM 199 O "O4'"  . A A 1 7  ? 6.490   -10.754 -2.101  1.00 0.00 ? 8  A A "O4'"  1 
ATOM 200 C "C3'"  . A A 1 7  ? 7.440   -10.023 -4.114  1.00 0.00 ? 8  A A "C3'"  1 
ATOM 201 O "O3'"  . A A 1 7  ? 6.871   -11.005 -4.991  1.00 0.00 ? 8  A A "O3'"  1 
ATOM 202 C "C2'"  . A A 1 7  ? 6.329   -9.066  -3.717  1.00 0.00 ? 8  A A "C2'"  1 
ATOM 203 O "O2'"  . A A 1 7  ? 5.574   -8.658  -4.861  1.00 0.00 ? 8  A A "O2'"  1 
ATOM 204 C "C1'"  . A A 1 7  ? 5.512   -9.975  -2.805  1.00 0.00 ? 8  A A "C1'"  1 
ATOM 205 N N9     . A A 1 7  ? 4.705   -9.233  -1.818  1.00 0.00 ? 8  A A N9     1 
ATOM 206 C C8     . A A 1 7  ? 5.082   -8.196  -1.003  1.00 0.00 ? 8  A A C8     1 
ATOM 207 N N7     . A A 1 7  ? 4.131   -7.777  -0.215  1.00 0.00 ? 8  A A N7     1 
ATOM 208 C C5     . A A 1 7  ? 3.053   -8.596  -0.532  1.00 0.00 ? 8  A A C5     1 
ATOM 209 C C6     . A A 1 7  ? 1.737   -8.668  -0.049  1.00 0.00 ? 8  A A C6     1 
ATOM 210 N N6     . A A 1 7  ? 1.258   -7.877  0.906   1.00 0.00 ? 8  A A N6     1 
ATOM 211 N N1     . A A 1 7  ? 0.923   -9.592  -0.581  1.00 0.00 ? 8  A A N1     1 
ATOM 212 C C2     . A A 1 7  ? 1.392   -10.393 -1.530  1.00 0.00 ? 8  A A C2     1 
ATOM 213 N N3     . A A 1 7  ? 2.602   -10.429 -2.067  1.00 0.00 ? 8  A A N3     1 
ATOM 214 C C4     . A A 1 7  ? 3.391   -9.486  -1.510  1.00 0.00 ? 8  A A C4     1 
ATOM 215 H "H5'"  . A A 1 7  ? 9.726   -9.956  -2.490  1.00 0.00 ? 8  A A "H5'"  1 
ATOM 216 H "H5''" . A A 1 7  ? 8.442   -9.036  -1.680  1.00 0.00 ? 8  A A "H5''" 1 
ATOM 217 H "H4'"  . A A 1 7  ? 8.070   -11.756 -2.982  1.00 0.00 ? 8  A A "H4'"  1 
ATOM 218 H "H3'"  . A A 1 7  ? 8.306   -9.530  -4.558  1.00 0.00 ? 8  A A "H3'"  1 
ATOM 219 H "H2'"  . A A 1 7  ? 6.725   -8.209  -3.171  1.00 0.00 ? 8  A A "H2'"  1 
ATOM 220 H "HO2'" . A A 1 7  ? 5.089   -9.428  -5.178  1.00 0.00 ? 8  A A "HO2'" 1 
ATOM 221 H "H1'"  . A A 1 7  ? 4.866   -10.636 -3.384  1.00 0.00 ? 8  A A "H1'"  1 
ATOM 222 H H8     . A A 1 7  ? 6.081   -7.762  -1.014  1.00 0.00 ? 8  A A H8     1 
ATOM 223 H H61    . A A 1 7  ? 0.290   -7.949  1.182   1.00 0.00 ? 8  A A H61    1 
ATOM 224 H H62    . A A 1 7  ? 1.866   -7.210  1.359   1.00 0.00 ? 8  A A H62    1 
ATOM 225 H H2     . A A 1 7  ? 0.684   -11.123 -1.922  1.00 0.00 ? 8  A A H2     1 
ATOM 226 P P      . A A 1 8  ? 7.160   -10.974 -6.577  1.00 0.00 ? 9  A A P      1 
ATOM 227 O OP1    . A A 1 8  ? 7.978   -12.159 -6.919  1.00 0.00 ? 9  A A OP1    1 
ATOM 228 O OP2    . A A 1 8  ? 7.638   -9.620  -6.940  1.00 0.00 ? 9  A A OP2    1 
ATOM 229 O "O5'"  . A A 1 8  ? 5.689   -11.182 -7.204  1.00 0.00 ? 9  A A "O5'"  1 
ATOM 230 C "C5'"  . A A 1 8  ? 5.012   -10.110 -7.872  1.00 0.00 ? 9  A A "C5'"  1 
ATOM 231 C "C4'"  . A A 1 8  ? 3.560   -9.988  -7.416  1.00 0.00 ? 9  A A "C4'"  1 
ATOM 232 O "O4'"  . A A 1 8  ? 3.525   -9.594  -6.050  1.00 0.00 ? 9  A A "O4'"  1 
ATOM 233 C "C3'"  . A A 1 8  ? 2.759   -8.894  -8.119  1.00 0.00 ? 9  A A "C3'"  1 
ATOM 234 O "O3'"  . A A 1 8  ? 1.945   -9.534  -9.120  1.00 0.00 ? 9  A A "O3'"  1 
ATOM 235 C "C2'"  . A A 1 8  ? 1.817   -8.349  -7.032  1.00 0.00 ? 9  A A "C2'"  1 
ATOM 236 O "O2'"  . A A 1 8  ? 0.452   -8.629  -7.343  1.00 0.00 ? 9  A A "O2'"  1 
ATOM 237 C "C1'"  . A A 1 8  ? 2.216   -9.105  -5.780  1.00 0.00 ? 9  A A "C1'"  1 
ATOM 238 N N9     . A A 1 8  ? 2.241   -8.203  -4.623  1.00 0.00 ? 9  A A N9     1 
ATOM 239 C C8     . A A 1 8  ? 3.264   -7.415  -4.183  1.00 0.00 ? 9  A A C8     1 
ATOM 240 N N7     . A A 1 8  ? 2.945   -6.658  -3.167  1.00 0.00 ? 9  A A N7     1 
ATOM 241 C C5     . A A 1 8  ? 1.610   -6.973  -2.929  1.00 0.00 ? 9  A A C5     1 
ATOM 242 C C6     . A A 1 8  ? 0.674   -6.517  -1.987  1.00 0.00 ? 9  A A C6     1 
ATOM 243 N N6     . A A 1 8  ? 0.946   -5.601  -1.061  1.00 0.00 ? 9  A A N6     1 
ATOM 244 N N1     . A A 1 8  ? -0.563  -7.036  -2.030  1.00 0.00 ? 9  A A N1     1 
ATOM 245 C C2     . A A 1 8  ? -0.846  -7.950  -2.952  1.00 0.00 ? 9  A A C2     1 
ATOM 246 N N3     . A A 1 8  ? -0.059  -8.461  -3.885  1.00 0.00 ? 9  A A N3     1 
ATOM 247 C C4     . A A 1 8  ? 1.173   -7.915  -3.812  1.00 0.00 ? 9  A A C4     1 
ATOM 248 H "H5'"  . A A 1 8  ? 5.032   -10.292 -8.947  1.00 0.00 ? 9  A A "H5'"  1 
ATOM 249 H "H5''" . A A 1 8  ? 5.529   -9.173  -7.661  1.00 0.00 ? 9  A A "H5''" 1 
ATOM 250 H "H4'"  . A A 1 8  ? 3.069   -10.956 -7.524  1.00 0.00 ? 9  A A "H4'"  1 
ATOM 251 H "H3'"  . A A 1 8  ? 3.392   -8.119  -8.551  1.00 0.00 ? 9  A A "H3'"  1 
ATOM 252 H "H2'"  . A A 1 8  ? 1.985   -7.280  -6.888  1.00 0.00 ? 9  A A "H2'"  1 
ATOM 253 H "HO2'" . A A 1 8  ? 0.219   -8.107  -8.114  1.00 0.00 ? 9  A A "HO2'" 1 
ATOM 254 H "H1'"  . A A 1 8  ? 1.540   -9.939  -5.587  1.00 0.00 ? 9  A A "H1'"  1 
ATOM 255 H H8     . A A 1 8  ? 4.239   -7.393  -4.666  1.00 0.00 ? 9  A A H8     1 
ATOM 256 H H61    . A A 1 8  ? 0.237   -5.329  -0.398  1.00 0.00 ? 9  A A H61    1 
ATOM 257 H H62    . A A 1 8  ? 1.863   -5.179  -1.025  1.00 0.00 ? 9  A A H62    1 
ATOM 258 H H2     . A A 1 8  ? -1.871  -8.323  -2.949  1.00 0.00 ? 9  A A H2     1 
ATOM 259 P P      . G A 1 9  ? 0.991   -8.677  -10.109 1.00 0.00 ? 10 G A P      1 
ATOM 260 O OP1    . G A 1 9  ? 1.620   -8.653  -11.449 1.00 0.00 ? 10 G A OP1    1 
ATOM 261 O OP2    . G A 1 9  ? 0.642   -7.401  -9.440  1.00 0.00 ? 10 G A OP2    1 
ATOM 262 O "O5'"  . G A 1 9  ? -0.352  -9.607  -10.195 1.00 0.00 ? 10 G A "O5'"  1 
ATOM 263 C "C5'"  . G A 1 9  ? -1.103  -10.009 -9.014  1.00 0.00 ? 10 G A "C5'"  1 
ATOM 264 C "C4'"  . G A 1 9  ? -2.231  -9.018  -8.684  1.00 0.00 ? 10 G A "C4'"  1 
ATOM 265 O "O4'"  . G A 1 9  ? -2.140  -8.667  -7.292  1.00 0.00 ? 10 G A "O4'"  1 
ATOM 266 C "C3'"  . G A 1 9  ? -2.051  -7.708  -9.391  1.00 0.00 ? 10 G A "C3'"  1 
ATOM 267 O "O3'"  . G A 1 9  ? -2.761  -7.685  -10.639 1.00 0.00 ? 10 G A "O3'"  1 
ATOM 268 C "C2'"  . G A 1 9  ? -2.849  -6.760  -8.483  1.00 0.00 ? 10 G A "C2'"  1 
ATOM 269 O "O2'"  . G A 1 9  ? -4.242  -6.821  -8.786  1.00 0.00 ? 10 G A "O2'"  1 
ATOM 270 C "C1'"  . G A 1 9  ? -2.608  -7.323  -7.088  1.00 0.00 ? 10 G A "C1'"  1 
ATOM 271 N N9     . G A 1 9  ? -1.623  -6.517  -6.337  1.00 0.00 ? 10 G A N9     1 
ATOM 272 C C8     . G A 1 9  ? -0.318  -6.245  -6.646  1.00 0.00 ? 10 G A C8     1 
ATOM 273 N N7     . G A 1 9  ? 0.259   -5.416  -5.822  1.00 0.00 ? 10 G A N7     1 
ATOM 274 C C5     . G A 1 9  ? -0.735  -5.117  -4.898  1.00 0.00 ? 10 G A C5     1 
ATOM 275 C C6     . G A 1 9  ? -0.701  -4.263  -3.760  1.00 0.00 ? 10 G A C6     1 
ATOM 276 O O6     . G A 1 9  ? 0.234   -3.587  -3.336  1.00 0.00 ? 10 G A O6     1 
ATOM 277 N N1     . G A 1 9  ? -1.918  -4.244  -3.103  1.00 0.00 ? 10 G A N1     1 
ATOM 278 C C2     . G A 1 9  ? -3.028  -4.952  -3.482  1.00 0.00 ? 10 G A C2     1 
ATOM 279 N N2     . G A 1 9  ? -4.114  -4.809  -2.736  1.00 0.00 ? 10 G A N2     1 
ATOM 280 N N3     . G A 1 9  ? -3.077  -5.755  -4.541  1.00 0.00 ? 10 G A N3     1 
ATOM 281 C C4     . G A 1 9  ? -1.894  -5.789  -5.203  1.00 0.00 ? 10 G A C4     1 
ATOM 282 H "H5'"  . G A 1 9  ? -0.421  -10.061 -8.164  1.00 0.00 ? 10 G A "H5'"  1 
ATOM 283 H "H5''" . G A 1 9  ? -1.533  -10.995 -9.182  1.00 0.00 ? 10 G A "H5''" 1 
ATOM 284 H "H4'"  . G A 1 9  ? -3.202  -9.466  -8.898  1.00 0.00 ? 10 G A "H4'"  1 
ATOM 285 H "H3'"  . G A 1 9  ? -1.012  -7.408  -9.504  1.00 0.00 ? 10 G A "H3'"  1 
ATOM 286 H "H2'"  . G A 1 9  ? -2.476  -5.741  -8.559  1.00 0.00 ? 10 G A "H2'"  1 
ATOM 287 H "HO2'" . G A 1 9  ? -4.498  -7.745  -8.765  1.00 0.00 ? 10 G A "HO2'" 1 
ATOM 288 H "H1'"  . G A 1 9  ? -3.539  -7.357  -6.522  1.00 0.00 ? 10 G A "H1'"  1 
ATOM 289 H H8     . G A 1 9  ? 0.187   -6.669  -7.511  1.00 0.00 ? 10 G A H8     1 
ATOM 290 H H1     . G A 1 9  ? -1.989  -3.651  -2.290  1.00 0.00 ? 10 G A H1     1 
ATOM 291 H H21    . G A 1 9  ? -4.102  -4.196  -1.937  1.00 0.00 ? 10 G A H21    1 
ATOM 292 H H22    . G A 1 9  ? -4.954  -5.317  -2.973  1.00 0.00 ? 10 G A H22    1 
ATOM 293 P P      . C A 1 10 ? -2.769  -6.343  -11.551 1.00 0.00 ? 11 C A P      1 
ATOM 294 O OP1    . C A 1 10 ? -2.949  -6.742  -12.963 1.00 0.00 ? 11 C A OP1    1 
ATOM 295 O OP2    . C A 1 10 ? -1.608  -5.507  -11.164 1.00 0.00 ? 11 C A OP2    1 
ATOM 296 O "O5'"  . C A 1 10 ? -4.111  -5.586  -11.064 1.00 0.00 ? 11 C A "O5'"  1 
ATOM 297 C "C5'"  . C A 1 10 ? -5.399  -6.289  -10.981 1.00 0.00 ? 11 C A "C5'"  1 
ATOM 298 C "C4'"  . C A 1 10 ? -6.507  -5.293  -10.649 1.00 0.00 ? 11 C A "C4'"  1 
ATOM 299 O "O4'"  . C A 1 10 ? -6.360  -4.944  -9.267  1.00 0.00 ? 11 C A "O4'"  1 
ATOM 300 C "C3'"  . C A 1 10 ? -6.241  -4.052  -11.448 1.00 0.00 ? 11 C A "C3'"  1 
ATOM 301 O "O3'"  . C A 1 10 ? -7.190  -3.866  -12.515 1.00 0.00 ? 11 C A "O3'"  1 
ATOM 302 C "C2'"  . C A 1 10 ? -6.581  -2.932  -10.455 1.00 0.00 ? 11 C A "C2'"  1 
ATOM 303 O "O2'"  . C A 1 10 ? -7.979  -2.630  -10.506 1.00 0.00 ? 11 C A "O2'"  1 
ATOM 304 C "C1'"  . C A 1 10 ? -6.229  -3.535  -9.099  1.00 0.00 ? 11 C A "C1'"  1 
ATOM 305 N N1     . C A 1 10 ? -4.841  -3.238  -8.664  1.00 0.00 ? 11 C A N1     1 
ATOM 306 C C2     . C A 1 10 ? -4.669  -2.579  -7.454  1.00 0.00 ? 11 C A C2     1 
ATOM 307 O O2     . C A 1 10 ? -5.643  -2.237  -6.790  1.00 0.00 ? 11 C A O2     1 
ATOM 308 N N3     . C A 1 10 ? -3.403  -2.320  -7.022  1.00 0.00 ? 11 C A N3     1 
ATOM 309 C C4     . C A 1 10 ? -2.345  -2.692  -7.752  1.00 0.00 ? 11 C A C4     1 
ATOM 310 N N4     . C A 1 10 ? -1.135  -2.420  -7.277  1.00 0.00 ? 11 C A N4     1 
ATOM 311 C C5     . C A 1 10 ? -2.513  -3.366  -8.996  1.00 0.00 ? 11 C A C5     1 
ATOM 312 C C6     . C A 1 10 ? -3.766  -3.618  -9.411  1.00 0.00 ? 11 C A C6     1 
ATOM 313 H "H5'"  . C A 1 10 ? -5.351  -7.054  -10.205 1.00 0.00 ? 11 C A "H5'"  1 
ATOM 314 H "H5''" . C A 1 10 ? -5.613  -6.759  -11.941 1.00 0.00 ? 11 C A "H5''" 1 
ATOM 315 H "H4'"  . C A 1 10 ? -7.491  -5.719  -10.845 1.00 0.00 ? 11 C A "H4'"  1 
ATOM 316 H "H3'"  . C A 1 10 ? -5.218  -3.989  -11.816 1.00 0.00 ? 11 C A "H3'"  1 
ATOM 317 H "H2'"  . C A 1 10 ? -5.987  -2.045  -10.649 1.00 0.00 ? 11 C A "H2'"  1 
ATOM 318 H "HO2'" . C A 1 10 ? -8.363  -3.179  -11.194 1.00 0.00 ? 11 C A "HO2'" 1 
ATOM 319 H "H1'"  . C A 1 10 ? -6.928  -3.200  -8.333  1.00 0.00 ? 11 C A "H1'"  1 
ATOM 320 H H41    . C A 1 10 ? -1.034  -1.934  -6.397  1.00 0.00 ? 11 C A H41    1 
ATOM 321 H H42    . C A 1 10 ? -0.315  -2.698  -7.795  1.00 0.00 ? 11 C A H42    1 
ATOM 322 H H5     . C A 1 10 ? -1.658  -3.673  -9.599  1.00 0.00 ? 11 C A H5     1 
ATOM 323 H H6     . C A 1 10 ? -3.921  -4.144  -10.348 1.00 0.00 ? 11 C A H6     1 
ATOM 324 P P      . U A 1 11 ? -6.962  -2.704  -13.618 1.00 0.00 ? 12 U A P      1 
ATOM 325 O OP1    . U A 1 11 ? -8.000  -2.848  -14.664 1.00 0.00 ? 12 U A OP1    1 
ATOM 326 O OP2    . U A 1 11 ? -5.530  -2.696  -13.994 1.00 0.00 ? 12 U A OP2    1 
ATOM 327 O "O5'"  . U A 1 11 ? -7.266  -1.350  -12.778 1.00 0.00 ? 12 U A "O5'"  1 
ATOM 328 C "C5'"  . U A 1 11 ? -8.588  -0.762  -12.634 1.00 0.00 ? 12 U A "C5'"  1 
ATOM 329 C "C4'"  . U A 1 11 ? -8.432  0.743   -12.405 1.00 0.00 ? 12 U A "C4'"  1 
ATOM 330 O "O4'"  . U A 1 11 ? -7.846  0.939   -11.112 1.00 0.00 ? 12 U A "O4'"  1 
ATOM 331 C "C3'"  . U A 1 11 ? -7.428  1.265   -13.400 1.00 0.00 ? 12 U A "C3'"  1 
ATOM 332 O "O3'"  . U A 1 11 ? -8.053  1.994   -14.467 1.00 0.00 ? 12 U A "O3'"  1 
ATOM 333 C "C2'"  . U A 1 11 ? -6.694  2.356   -12.612 1.00 0.00 ? 12 U A "C2'"  1 
ATOM 334 O "O2'"  . U A 1 11 ? -7.360  3.615   -12.765 1.00 0.00 ? 12 U A "O2'"  1 
ATOM 335 C "C1'"  . U A 1 11 ? -6.786  1.898   -11.162 1.00 0.00 ? 12 U A "C1'"  1 
ATOM 336 N N1     . U A 1 11 ? -5.529  1.282   -10.680 1.00 0.00 ? 12 U A N1     1 
ATOM 337 C C2     . U A 1 11 ? -4.790  1.987   -9.744  1.00 0.00 ? 12 U A C2     1 
ATOM 338 O O2     . U A 1 11 ? -5.143  3.076   -9.305  1.00 0.00 ? 12 U A O2     1 
ATOM 339 N N3     . U A 1 11 ? -3.622  1.393   -9.325  1.00 0.00 ? 12 U A N3     1 
ATOM 340 C C4     . U A 1 11 ? -3.131  0.179   -9.747  1.00 0.00 ? 12 U A C4     1 
ATOM 341 O O4     . U A 1 11 ? -2.075  -0.244  -9.293  1.00 0.00 ? 12 U A O4     1 
ATOM 342 C C5     . U A 1 11 ? -3.951  -0.497  -10.721 1.00 0.00 ? 12 U A C5     1 
ATOM 343 C C6     . U A 1 11 ? -5.106  0.068   -11.148 1.00 0.00 ? 12 U A C6     1 
ATOM 344 H "H5'"  . U A 1 11 ? -9.102  -1.211  -11.783 1.00 0.00 ? 12 U A "H5'"  1 
ATOM 345 H "H5''" . U A 1 11 ? -9.166  -0.935  -13.542 1.00 0.00 ? 12 U A "H5''" 1 
ATOM 346 H "H4'"  . U A 1 11 ? -9.395  1.251   -12.477 1.00 0.00 ? 12 U A "H4'"  1 
ATOM 347 H "H3'"  . U A 1 11 ? -6.760  0.497   -13.787 1.00 0.00 ? 12 U A "H3'"  1 
ATOM 348 H "H2'"  . U A 1 11 ? -5.655  2.426   -12.925 1.00 0.00 ? 12 U A "H2'"  1 
ATOM 349 H "HO2'" . U A 1 11 ? -8.304  3.442   -12.733 1.00 0.00 ? 12 U A "HO2'" 1 
ATOM 350 H "H1'"  . U A 1 11 ? -7.040  2.737   -10.513 1.00 0.00 ? 12 U A "H1'"  1 
ATOM 351 H H3     . U A 1 11 ? -3.069  1.901   -8.652  1.00 0.00 ? 12 U A H3     1 
ATOM 352 H H5     . U A 1 11 ? -3.636  -1.462  -11.119 1.00 0.00 ? 12 U A H5     1 
ATOM 353 H H6     . U A 1 11 ? -5.712  -0.458  -11.878 1.00 0.00 ? 12 U A H6     1 
ATOM 354 P P      . C A 1 12 ? -7.239  2.320   -15.823 1.00 0.00 ? 13 C A P      1 
ATOM 355 O OP1    . C A 1 12 ? -8.125  3.096   -16.721 1.00 0.00 ? 13 C A OP1    1 
ATOM 356 O OP2    . C A 1 12 ? -6.622  1.064   -16.303 1.00 0.00 ? 13 C A OP2    1 
ATOM 357 O "O5'"  . C A 1 12 ? -6.055  3.295   -15.314 1.00 0.00 ? 13 C A "O5'"  1 
ATOM 358 C "C5'"  . C A 1 12 ? -6.303  4.686   -15.063 1.00 0.00 ? 13 C A "C5'"  1 
ATOM 359 C "C4'"  . C A 1 12 ? -5.112  5.372   -14.392 1.00 0.00 ? 13 C A "C4'"  1 
ATOM 360 O "O4'"  . C A 1 12 ? -4.808  4.724   -13.153 1.00 0.00 ? 13 C A "O4'"  1 
ATOM 361 C "C3'"  . C A 1 12 ? -3.802  5.295   -15.156 1.00 0.00 ? 13 C A "C3'"  1 
ATOM 362 O "O3'"  . C A 1 12 ? -3.759  6.266   -16.206 1.00 0.00 ? 13 C A "O3'"  1 
ATOM 363 C "C2'"  . C A 1 12 ? -2.817  5.643   -14.046 1.00 0.00 ? 13 C A "C2'"  1 
ATOM 364 O "O2'"  . C A 1 12 ? -2.826  7.051   -13.788 1.00 0.00 ? 13 C A "O2'"  1 
ATOM 365 C "C1'"  . C A 1 12 ? -3.408  4.873   -12.857 1.00 0.00 ? 13 C A "C1'"  1 
ATOM 366 N N1     . C A 1 12 ? -2.808  3.532   -12.691 1.00 0.00 ? 13 C A N1     1 
ATOM 367 C C2     . C A 1 12 ? -1.813  3.385   -11.735 1.00 0.00 ? 13 C A C2     1 
ATOM 368 O O2     . C A 1 12 ? -1.444  4.346   -11.066 1.00 0.00 ? 13 C A O2     1 
ATOM 369 N N3     . C A 1 12 ? -1.254  2.159   -11.557 1.00 0.00 ? 13 C A N3     1 
ATOM 370 C C4     . C A 1 12 ? -1.655  1.115   -12.290 1.00 0.00 ? 13 C A C4     1 
ATOM 371 N N4     . C A 1 12 ? -1.081  -0.059  -12.054 1.00 0.00 ? 13 C A N4     1 
ATOM 372 C C5     . C A 1 12 ? -2.676  1.256   -13.279 1.00 0.00 ? 13 C A C5     1 
ATOM 373 C C6     . C A 1 12 ? -3.223  2.474   -13.446 1.00 0.00 ? 13 C A C6     1 
ATOM 374 H "H5'"  . C A 1 12 ? -7.174  4.779   -14.415 1.00 0.00 ? 13 C A "H5'"  1 
ATOM 375 H "H5''" . C A 1 12 ? -6.511  5.185   -16.009 1.00 0.00 ? 13 C A "H5''" 1 
ATOM 376 H "H4'"  . C A 1 12 ? -5.373  6.411   -14.191 1.00 0.00 ? 13 C A "H4'"  1 
ATOM 377 H "H3'"  . C A 1 12 ? -3.625  4.289   -15.535 1.00 0.00 ? 13 C A "H3'"  1 
ATOM 378 H "HO3'" . C A 1 12 ? -4.536  6.129   -16.753 1.00 0.00 ? 13 C A "HO3'" 1 
ATOM 379 H "H2'"  . C A 1 12 ? -1.813  5.292   -14.281 1.00 0.00 ? 13 C A "H2'"  1 
ATOM 380 H "HO2'" . C A 1 12 ? -2.883  7.495   -14.638 1.00 0.00 ? 13 C A "HO2'" 1 
ATOM 381 H "H1'"  . C A 1 12 ? -3.294  5.438   -11.929 1.00 0.00 ? 13 C A "H1'"  1 
ATOM 382 H H41    . C A 1 12 ? -0.311  -0.124  -11.399 1.00 0.00 ? 13 C A H41    1 
ATOM 383 H H42    . C A 1 12 ? -1.414  -0.886  -12.522 1.00 0.00 ? 13 C A H42    1 
ATOM 384 H H5     . C A 1 12 ? -3.008  0.412   -13.881 1.00 0.00 ? 13 C A H5     1 
ATOM 385 H H6     . C A 1 12 ? -4.004  2.616   -14.193 1.00 0.00 ? 13 C A H6     1 
ATOM 386 O "O5'"  . G B 2 1  ? 7.553   -0.022  -6.758  1.00 0.00 ? 18 G B "O5'"  1 
ATOM 387 C "C5'"  . G B 2 1  ? 8.362   1.148   -6.613  1.00 0.00 ? 18 G B "C5'"  1 
ATOM 388 C "C4'"  . G B 2 1  ? 7.647   2.396   -7.124  1.00 0.00 ? 18 G B "C4'"  1 
ATOM 389 O "O4'"  . G B 2 1  ? 7.238   2.192   -8.484  1.00 0.00 ? 18 G B "O4'"  1 
ATOM 390 C "C3'"  . G B 2 1  ? 6.345   2.726   -6.422  1.00 0.00 ? 18 G B "C3'"  1 
ATOM 391 O "O3'"  . G B 2 1  ? 6.654   3.522   -5.269  1.00 0.00 ? 18 G B "O3'"  1 
ATOM 392 C "C2'"  . G B 2 1  ? 5.674   3.628   -7.442  1.00 0.00 ? 18 G B "C2'"  1 
ATOM 393 O "O2'"  . G B 2 1  ? 6.250   4.938   -7.428  1.00 0.00 ? 18 G B "O2'"  1 
ATOM 394 C "C1'"  . G B 2 1  ? 6.006   2.901   -8.741  1.00 0.00 ? 18 G B "C1'"  1 
ATOM 395 N N9     . G B 2 1  ? 4.954   1.935   -9.102  1.00 0.00 ? 18 G B N9     1 
ATOM 396 C C8     . G B 2 1  ? 4.995   0.571   -9.049  1.00 0.00 ? 18 G B C8     1 
ATOM 397 N N7     . G B 2 1  ? 3.879   -0.004  -9.403  1.00 0.00 ? 18 G B N7     1 
ATOM 398 C C5     . G B 2 1  ? 3.039   1.062   -9.711  1.00 0.00 ? 18 G B C5     1 
ATOM 399 C C6     . G B 2 1  ? 1.689   1.064   -10.159 1.00 0.00 ? 18 G B C6     1 
ATOM 400 O O6     . G B 2 1  ? 0.952   0.106   -10.373 1.00 0.00 ? 18 G B O6     1 
ATOM 401 N N1     . G B 2 1  ? 1.219   2.349   -10.349 1.00 0.00 ? 18 G B N1     1 
ATOM 402 C C2     . G B 2 1  ? 1.946   3.493   -10.142 1.00 0.00 ? 18 G B C2     1 
ATOM 403 N N2     . G B 2 1  ? 1.332   4.645   -10.370 1.00 0.00 ? 18 G B N2     1 
ATOM 404 N N3     . G B 2 1  ? 3.209   3.509   -9.725  1.00 0.00 ? 18 G B N3     1 
ATOM 405 C C4     . G B 2 1  ? 3.690   2.256   -9.530  1.00 0.00 ? 18 G B C4     1 
ATOM 406 H "H5'"  . G B 2 1  ? 9.287   1.013   -7.175  1.00 0.00 ? 18 G B "H5'"  1 
ATOM 407 H "H5''" . G B 2 1  ? 8.605   1.285   -5.558  1.00 0.00 ? 18 G B "H5''" 1 
ATOM 408 H "H4'"  . G B 2 1  ? 8.333   3.243   -7.080  1.00 0.00 ? 18 G B "H4'"  1 
ATOM 409 H "H3'"  . G B 2 1  ? 5.754   1.845   -6.169  1.00 0.00 ? 18 G B "H3'"  1 
ATOM 410 H "H2'"  . G B 2 1  ? 4.599   3.663   -7.287  1.00 0.00 ? 18 G B "H2'"  1 
ATOM 411 H "HO2'" . G B 2 1  ? 6.064   5.320   -6.568  1.00 0.00 ? 18 G B "HO2'" 1 
ATOM 412 H "H1'"  . G B 2 1  ? 6.154   3.605   -9.560  1.00 0.00 ? 18 G B "H1'"  1 
ATOM 413 H H8     . G B 2 1  ? 5.872   0.019   -8.722  1.00 0.00 ? 18 G B H8     1 
ATOM 414 H H1     . G B 2 1  ? 0.268   2.445   -10.664 1.00 0.00 ? 18 G B H1     1 
ATOM 415 H H21    . G B 2 1  ? 0.375   4.655   -10.690 1.00 0.00 ? 18 G B H21    1 
ATOM 416 H H22    . G B 2 1  ? 1.824   5.513   -10.221 1.00 0.00 ? 18 G B H22    1 
ATOM 417 H "HO5'" . G B 2 1  ? 7.289   -0.071  -7.680  1.00 0.00 ? 18 G B "HO5'" 1 
ATOM 418 P P      . A B 2 2  ? 5.526   3.826   -4.156  1.00 0.00 ? 19 A B P      1 
ATOM 419 O OP1    . A B 2 2  ? 6.189   4.431   -2.980  1.00 0.00 ? 19 A B OP1    1 
ATOM 420 O OP2    . A B 2 2  ? 4.695   2.613   -3.991  1.00 0.00 ? 19 A B OP2    1 
ATOM 421 O "O5'"  . A B 2 2  ? 4.620   4.964   -4.871  1.00 0.00 ? 19 A B "O5'"  1 
ATOM 422 C "C5'"  . A B 2 2  ? 4.905   6.388   -4.806  1.00 0.00 ? 19 A B "C5'"  1 
ATOM 423 C "C4'"  . A B 2 2  ? 3.582   7.146   -4.905  1.00 0.00 ? 19 A B "C4'"  1 
ATOM 424 O "O4'"  . A B 2 2  ? 3.029   6.929   -6.219  1.00 0.00 ? 19 A B "O4'"  1 
ATOM 425 C "C3'"  . A B 2 2  ? 2.604   6.500   -3.959  1.00 0.00 ? 19 A B "C3'"  1 
ATOM 426 O "O3'"  . A B 2 2  ? 2.414   7.227   -2.732  1.00 0.00 ? 19 A B "O3'"  1 
ATOM 427 C "C2'"  . A B 2 2  ? 1.285   6.716   -4.687  1.00 0.00 ? 19 A B "C2'"  1 
ATOM 428 O "O2'"  . A B 2 2  ? 0.778   8.034   -4.449  1.00 0.00 ? 19 A B "O2'"  1 
ATOM 429 C "C1'"  . A B 2 2  ? 1.645   6.556   -6.131  1.00 0.00 ? 19 A B "C1'"  1 
ATOM 430 N N9     . A B 2 2  ? 1.455   5.157   -6.517  1.00 0.00 ? 19 A B N9     1 
ATOM 431 C C8     . A B 2 2  ? 2.326   4.136   -6.365  1.00 0.00 ? 19 A B C8     1 
ATOM 432 N N7     . A B 2 2  ? 1.856   2.976   -6.732  1.00 0.00 ? 19 A B N7     1 
ATOM 433 C C5     . A B 2 2  ? 0.561   3.266   -7.145  1.00 0.00 ? 19 A B C5     1 
ATOM 434 C C6     . A B 2 2  ? -0.480  2.469   -7.644  1.00 0.00 ? 19 A B C6     1 
ATOM 435 N N6     . A B 2 2  ? -0.375  1.157   -7.825  1.00 0.00 ? 19 A B N6     1 
ATOM 436 N N1     . A B 2 2  ? -1.640  3.071   -7.950  1.00 0.00 ? 19 A B N1     1 
ATOM 437 C C2     . A B 2 2  ? -1.750  4.385   -7.767  1.00 0.00 ? 19 A B C2     1 
ATOM 438 N N3     . A B 2 2  ? -0.846  5.242   -7.314  1.00 0.00 ? 19 A B N3     1 
ATOM 439 C C4     . A B 2 2  ? 0.303   4.599   -7.017  1.00 0.00 ? 19 A B C4     1 
ATOM 440 H "H5'"  . A B 2 2  ? 5.556   6.674   -5.632  1.00 0.00 ? 19 A B "H5'"  1 
ATOM 441 H "H5''" . A B 2 2  ? 5.390   6.620   -3.857  1.00 0.00 ? 19 A B "H5''" 1 
ATOM 442 H "H4'"  . A B 2 2  ? 3.721   8.209   -4.706  1.00 0.00 ? 19 A B "H4'"  1 
ATOM 443 H "H3'"  . A B 2 2  ? 2.816   5.446   -3.775  1.00 0.00 ? 19 A B "H3'"  1 
ATOM 444 H "H2'"  . A B 2 2  ? 0.579   5.949   -4.406  1.00 0.00 ? 19 A B "H2'"  1 
ATOM 445 H "HO2'" . A B 2 2  ? 1.233   8.375   -3.676  1.00 0.00 ? 19 A B "HO2'" 1 
ATOM 446 H "H1'"  . A B 2 2  ? 1.042   7.205   -6.768  1.00 0.00 ? 19 A B "H1'"  1 
ATOM 447 H H8     . A B 2 2  ? 3.279   4.271   -5.878  1.00 0.00 ? 19 A B H8     1 
ATOM 448 H H61    . A B 2 2  ? -1.138  0.641   -8.236  1.00 0.00 ? 19 A B H61    1 
ATOM 449 H H62    . A B 2 2  ? 0.470   0.677   -7.550  1.00 0.00 ? 19 A B H62    1 
ATOM 450 H H2     . A B 2 2  ? -2.733  4.809   -7.980  1.00 0.00 ? 19 A B H2     1 
ATOM 451 P P      . G B 2 3  ? 1.417   6.644   -1.586  1.00 0.00 ? 20 G B P      1 
ATOM 452 O OP1    . G B 2 3  ? 1.143   7.728   -0.617  1.00 0.00 ? 20 G B OP1    1 
ATOM 453 O OP2    . G B 2 3  ? 1.961   5.351   -1.114  1.00 0.00 ? 20 G B OP2    1 
ATOM 454 O "O5'"  . G B 2 3  ? 0.057   6.350   -2.421  1.00 0.00 ? 20 G B "O5'"  1 
ATOM 455 C "C5'"  . G B 2 3  ? -0.942  7.363   -2.729  1.00 0.00 ? 20 G B "C5'"  1 
ATOM 456 C "C4'"  . G B 2 3  ? -2.273  6.680   -3.040  1.00 0.00 ? 20 G B "C4'"  1 
ATOM 457 O "O4'"  . G B 2 3  ? -2.131  5.922   -4.250  1.00 0.00 ? 20 G B "O4'"  1 
ATOM 458 C "C3'"  . G B 2 3  ? -2.550  5.645   -1.994  1.00 0.00 ? 20 G B "C3'"  1 
ATOM 459 O "O3'"  . G B 2 3  ? -3.365  6.166   -0.936  1.00 0.00 ? 20 G B "O3'"  1 
ATOM 460 C "C2'"  . G B 2 3  ? -3.489  4.701   -2.754  1.00 0.00 ? 20 G B "C2'"  1 
ATOM 461 O "O2'"  . G B 2 3  ? -4.827  5.212   -2.745  1.00 0.00 ? 20 G B "O2'"  1 
ATOM 462 C "C1'"  . G B 2 3  ? -2.919  4.728   -4.174  1.00 0.00 ? 20 G B "C1'"  1 
ATOM 463 N N9     . G B 2 3  ? -2.093  3.537   -4.432  1.00 0.00 ? 20 G B N9     1 
ATOM 464 C C8     . G B 2 3  ? -0.741  3.366   -4.291  1.00 0.00 ? 20 G B C8     1 
ATOM 465 N N7     . G B 2 3  ? -0.340  2.149   -4.536  1.00 0.00 ? 20 G B N7     1 
ATOM 466 C C5     . G B 2 3  ? -1.511  1.471   -4.860  1.00 0.00 ? 20 G B C5     1 
ATOM 467 C C6     . G B 2 3  ? -1.714  0.109   -5.217  1.00 0.00 ? 20 G B C6     1 
ATOM 468 O O6     . G B 2 3  ? -0.883  -0.789  -5.308  1.00 0.00 ? 20 G B O6     1 
ATOM 469 N N1     . G B 2 3  ? -3.049  -0.159  -5.463  1.00 0.00 ? 20 G B N1     1 
ATOM 470 C C2     . G B 2 3  ? -4.063  0.759   -5.377  1.00 0.00 ? 20 G B C2     1 
ATOM 471 N N2     . G B 2 3  ? -5.289  0.334   -5.641  1.00 0.00 ? 20 G B N2     1 
ATOM 472 N N3     . G B 2 3  ? -3.887  2.032   -5.044  1.00 0.00 ? 20 G B N3     1 
ATOM 473 C C4     . G B 2 3  ? -2.587  2.315   -4.799  1.00 0.00 ? 20 G B C4     1 
ATOM 474 H "H5'"  . G B 2 3  ? -0.621  7.946   -3.592  1.00 0.00 ? 20 G B "H5'"  1 
ATOM 475 H "H5''" . G B 2 3  ? -1.065  8.022   -1.870  1.00 0.00 ? 20 G B "H5''" 1 
ATOM 476 H "H4'"  . G B 2 3  ? -3.078  7.410   -3.130  1.00 0.00 ? 20 G B "H4'"  1 
ATOM 477 H "H3'"  . G B 2 3  ? -1.653  5.149   -1.623  1.00 0.00 ? 20 G B "H3'"  1 
ATOM 478 H "H2'"  . G B 2 3  ? -3.452  3.693   -2.338  1.00 0.00 ? 20 G B "H2'"  1 
ATOM 479 H "HO2'" . G B 2 3  ? -4.967  5.622   -1.887  1.00 0.00 ? 20 G B "HO2'" 1 
ATOM 480 H "H1'"  . G B 2 3  ? -3.713  4.778   -4.927  1.00 0.00 ? 20 G B "H1'"  1 
ATOM 481 H H8     . G B 2 3  ? -0.068  4.164   -3.986  1.00 0.00 ? 20 G B H8     1 
ATOM 482 H H1     . G B 2 3  ? -3.285  -1.102  -5.726  1.00 0.00 ? 20 G B H1     1 
ATOM 483 H H21    . G B 2 3  ? -5.450  -0.632  -5.879  1.00 0.00 ? 20 G B H21    1 
ATOM 484 H H22    . G B 2 3  ? -6.063  0.980   -5.603  1.00 0.00 ? 20 G B H22    1 
ATOM 485 P P      . U B 2 4  ? -3.240  5.573   0.559   1.00 0.00 ? 21 U B P      1 
ATOM 486 O OP1    . U B 2 4  ? -4.306  6.181   1.387   1.00 0.00 ? 21 U B OP1    1 
ATOM 487 O OP2    . U B 2 4  ? -1.825  5.679   0.981   1.00 0.00 ? 21 U B OP2    1 
ATOM 488 O "O5'"  . U B 2 4  ? -3.586  4.009   0.355   1.00 0.00 ? 21 U B "O5'"  1 
ATOM 489 C "C5'"  . U B 2 4  ? -4.946  3.558   0.259   1.00 0.00 ? 21 U B "C5'"  1 
ATOM 490 C "C4'"  . U B 2 4  ? -5.029  2.067   -0.061  1.00 0.00 ? 21 U B "C4'"  1 
ATOM 491 O "O4'"  . U B 2 4  ? -4.307  1.797   -1.260  1.00 0.00 ? 21 U B "O4'"  1 
ATOM 492 C "C3'"  . U B 2 4  ? -4.362  1.148   0.942   1.00 0.00 ? 21 U B "C3'"  1 
ATOM 493 O "O3'"  . U B 2 4  ? -5.316  0.846   1.971   1.00 0.00 ? 21 U B "O3'"  1 
ATOM 494 C "C2'"  . U B 2 4  ? -4.154  -0.127  0.128   1.00 0.00 ? 21 U B "C2'"  1 
ATOM 495 O "O2'"  . U B 2 4  ? -5.341  -0.925  0.136   1.00 0.00 ? 21 U B "O2'"  1 
ATOM 496 C "C1'"  . U B 2 4  ? -3.889  0.420   -1.281  1.00 0.00 ? 21 U B "C1'"  1 
ATOM 497 N N1     . U B 2 4  ? -2.456  0.365   -1.630  1.00 0.00 ? 21 U B N1     1 
ATOM 498 C C2     . U B 2 4  ? -1.951  -0.844  -2.076  1.00 0.00 ? 21 U B C2     1 
ATOM 499 O O2     . U B 2 4  ? -2.647  -1.850  -2.199  1.00 0.00 ? 21 U B O2     1 
ATOM 500 N N3     . U B 2 4  ? -0.606  -0.863  -2.372  1.00 0.00 ? 21 U B N3     1 
ATOM 501 C C4     . U B 2 4  ? 0.266   0.201   -2.262  1.00 0.00 ? 21 U B C4     1 
ATOM 502 O O4     . U B 2 4  ? 1.447   0.053   -2.551  1.00 0.00 ? 21 U B O4     1 
ATOM 503 C C5     . U B 2 4  ? -0.334  1.428   -1.792  1.00 0.00 ? 21 U B C5     1 
ATOM 504 C C6     . U B 2 4  ? -1.654  1.468   -1.496  1.00 0.00 ? 21 U B C6     1 
ATOM 505 H "H5'"  . U B 2 4  ? -5.451  4.119   -0.528  1.00 0.00 ? 21 U B "H5'"  1 
ATOM 506 H "H5''" . U B 2 4  ? -5.450  3.746   1.208   1.00 0.00 ? 21 U B "H5''" 1 
ATOM 507 H "H4'"  . U B 2 4  ? -6.075  1.789   -0.201  1.00 0.00 ? 21 U B "H4'"  1 
ATOM 508 H "H3'"  . U B 2 4  ? -3.434  1.553   1.348   1.00 0.00 ? 21 U B "H3'"  1 
ATOM 509 H "H2'"  . U B 2 4  ? -3.298  -0.692  0.495   1.00 0.00 ? 21 U B "H2'"  1 
ATOM 510 H "HO2'" . U B 2 4  ? -5.969  -0.495  0.723   1.00 0.00 ? 21 U B "HO2'" 1 
ATOM 511 H "H1'"  . U B 2 4  ? -4.469  -0.125  -2.026  1.00 0.00 ? 21 U B "H1'"  1 
ATOM 512 H H3     . U B 2 4  ? -0.221  -1.735  -2.703  1.00 0.00 ? 21 U B H3     1 
ATOM 513 H H5     . U B 2 4  ? 0.273   2.325   -1.683  1.00 0.00 ? 21 U B H5     1 
ATOM 514 H H6     . U B 2 4  ? -2.091  2.402   -1.141  1.00 0.00 ? 21 U B H6     1 
ATOM 515 P P      . A B 2 5  ? -4.872  0.021   3.287   1.00 0.00 ? 22 A B P      1 
ATOM 516 O OP1    . A B 2 5  ? -6.084  -0.592  3.871   1.00 0.00 ? 22 A B OP1    1 
ATOM 517 O OP2    . A B 2 5  ? -4.021  0.900   4.118   1.00 0.00 ? 22 A B OP2    1 
ATOM 518 O "O5'"  . A B 2 5  ? -3.937  -1.166  2.660   1.00 0.00 ? 22 A B "O5'"  1 
ATOM 519 C "C5'"  . A B 2 5  ? -4.404  -2.533  2.477   1.00 0.00 ? 22 A B "C5'"  1 
ATOM 520 C "C4'"  . A B 2 5  ? -4.095  -3.389  3.708   1.00 0.00 ? 22 A B "C4'"  1 
ATOM 521 O "O4'"  . A B 2 5  ? -2.675  -3.368  3.916   1.00 0.00 ? 22 A B "O4'"  1 
ATOM 522 C "C3'"  . A B 2 5  ? -4.685  -2.774  4.950   1.00 0.00 ? 22 A B "C3'"  1 
ATOM 523 O "O3'"  . A B 2 5  ? -5.903  -3.434  5.333   1.00 0.00 ? 22 A B "O3'"  1 
ATOM 524 C "C2'"  . A B 2 5  ? -3.684  -3.194  6.024   1.00 0.00 ? 22 A B "C2'"  1 
ATOM 525 O "O2'"  . A B 2 5  ? -3.929  -4.542  6.440   1.00 0.00 ? 22 A B "O2'"  1 
ATOM 526 C "C1'"  . A B 2 5  ? -2.364  -3.107  5.290   1.00 0.00 ? 22 A B "C1'"  1 
ATOM 527 N N9     . A B 2 5  ? -1.777  -1.764  5.402   1.00 0.00 ? 22 A B N9     1 
ATOM 528 C C8     . A B 2 5  ? -1.712  -0.785  4.454   1.00 0.00 ? 22 A B C8     1 
ATOM 529 N N7     . A B 2 5  ? -1.129  0.307   4.865   1.00 0.00 ? 22 A B N7     1 
ATOM 530 C C5     . A B 2 5  ? -0.795  0.023   6.186   1.00 0.00 ? 22 A B C5     1 
ATOM 531 C C6     . A B 2 5  ? -0.156  0.768   7.189   1.00 0.00 ? 22 A B C6     1 
ATOM 532 N N6     . A B 2 5  ? 0.277   2.011   7.017   1.00 0.00 ? 22 A B N6     1 
ATOM 533 N N1     . A B 2 5  ? 0.015   0.190   8.386   1.00 0.00 ? 22 A B N1     1 
ATOM 534 C C2     . A B 2 5  ? -0.423  -1.049  8.573   1.00 0.00 ? 22 A B C2     1 
ATOM 535 N N3     . A B 2 5  ? -1.033  -1.853  7.714   1.00 0.00 ? 22 A B N3     1 
ATOM 536 C C4     . A B 2 5  ? -1.188  -1.238  6.523   1.00 0.00 ? 22 A B C4     1 
ATOM 537 H "H5'"  . A B 2 5  ? -3.911  -2.966  1.607   1.00 0.00 ? 22 A B "H5'"  1 
ATOM 538 H "H5''" . A B 2 5  ? -5.482  -2.524  2.309   1.00 0.00 ? 22 A B "H5''" 1 
ATOM 539 H "H4'"  . A B 2 5  ? -4.442  -4.412  3.555   1.00 0.00 ? 22 A B "H4'"  1 
ATOM 540 H "H3'"  . A B 2 5  ? -4.802  -1.699  4.889   1.00 0.00 ? 22 A B "H3'"  1 
ATOM 541 H "H2'"  . A B 2 5  ? -3.703  -2.510  6.868   1.00 0.00 ? 22 A B "H2'"  1 
ATOM 542 H "HO2'" . A B 2 5  ? -4.797  -4.787  6.110   1.00 0.00 ? 22 A B "HO2'" 1 
ATOM 543 H "H1'"  . A B 2 5  ? -1.656  -3.850  5.656   1.00 0.00 ? 22 A B "H1'"  1 
ATOM 544 H H8     . A B 2 5  ? -2.146  -0.897  3.461   1.00 0.00 ? 22 A B H8     1 
ATOM 545 H H61    . A B 2 5  ? 0.750   2.489   7.774   1.00 0.00 ? 22 A B H61    1 
ATOM 546 H H62    . A B 2 5  ? 0.132   2.479   6.134   1.00 0.00 ? 22 A B H62    1 
ATOM 547 H H2     . A B 2 5  ? -0.280  -1.454  9.576   1.00 0.00 ? 22 A B H2     1 
ATOM 548 P P      . C B 2 6  ? -6.814  -2.853  6.535   1.00 0.00 ? 23 C B P      1 
ATOM 549 O OP1    . C B 2 6  ? -7.823  -3.875  6.889   1.00 0.00 ? 23 C B OP1    1 
ATOM 550 O OP2    . C B 2 6  ? -7.244  -1.481  6.179   1.00 0.00 ? 23 C B OP2    1 
ATOM 551 O "O5'"  . C B 2 6  ? -5.755  -2.738  7.758   1.00 0.00 ? 23 C B "O5'"  1 
ATOM 552 C "C5'"  . C B 2 6  ? -5.388  -3.841  8.631   1.00 0.00 ? 23 C B "C5'"  1 
ATOM 553 C "C4'"  . C B 2 6  ? -4.973  -3.258  9.980   1.00 0.00 ? 23 C B "C4'"  1 
ATOM 554 O "O4'"  . C B 2 6  ? -3.733  -2.559  9.806   1.00 0.00 ? 23 C B "O4'"  1 
ATOM 555 C "C3'"  . C B 2 6  ? -5.994  -2.217  10.349  1.00 0.00 ? 23 C B "C3'"  1 
ATOM 556 O "O3'"  . C B 2 6  ? -6.869  -2.679  11.387  1.00 0.00 ? 23 C B "O3'"  1 
ATOM 557 C "C2'"  . C B 2 6  ? -5.160  -1.131  11.032  1.00 0.00 ? 23 C B "C2'"  1 
ATOM 558 O "O2'"  . C B 2 6  ? -5.024  -1.405  12.429  1.00 0.00 ? 23 C B "O2'"  1 
ATOM 559 C "C1'"  . C B 2 6  ? -3.806  -1.233  10.337  1.00 0.00 ? 23 C B "C1'"  1 
ATOM 560 N N1     . C B 2 6  ? -3.669  -0.253  9.240   1.00 0.00 ? 23 C B N1     1 
ATOM 561 C C2     . C B 2 6  ? -2.785  0.799   9.421   1.00 0.00 ? 23 C B C2     1 
ATOM 562 O O2     . C B 2 6  ? -2.160  0.912   10.471  1.00 0.00 ? 23 C B O2     1 
ATOM 563 N N3     . C B 2 6  ? -2.637  1.706   8.420   1.00 0.00 ? 23 C B N3     1 
ATOM 564 C C4     . C B 2 6  ? -3.331  1.586   7.284   1.00 0.00 ? 23 C B C4     1 
ATOM 565 N N4     . C B 2 6  ? -3.128  2.498   6.339   1.00 0.00 ? 23 C B N4     1 
ATOM 566 C C5     . C B 2 6  ? -4.247  0.509   7.093   1.00 0.00 ? 23 C B C5     1 
ATOM 567 C C6     . C B 2 6  ? -4.384  -0.382  8.092   1.00 0.00 ? 23 C B C6     1 
ATOM 568 H "H5'"  . C B 2 6  ? -4.557  -4.400  8.198   1.00 0.00 ? 23 C B "H5'"  1 
ATOM 569 H "H5''" . C B 2 6  ? -6.245  -4.503  8.766   1.00 0.00 ? 23 C B "H5''" 1 
ATOM 570 H "H4'"  . C B 2 6  ? -4.880  -4.039  10.733  1.00 0.00 ? 23 C B "H4'"  1 
ATOM 571 H "H3'"  . C B 2 6  ? -6.552  -1.841  9.491   1.00 0.00 ? 23 C B "H3'"  1 
ATOM 572 H "H2'"  . C B 2 6  ? -5.598  -0.148  10.866  1.00 0.00 ? 23 C B "H2'"  1 
ATOM 573 H "HO2'" . C B 2 6  ? -5.671  -2.080  12.648  1.00 0.00 ? 23 C B "HO2'" 1 
ATOM 574 H "H1'"  . C B 2 6  ? -2.988  -1.090  11.047  1.00 0.00 ? 23 C B "H1'"  1 
ATOM 575 H H41    . C B 2 6  ? -2.518  3.284   6.518   1.00 0.00 ? 23 C B H41    1 
ATOM 576 H H42    . C B 2 6  ? -3.580  2.402   5.440   1.00 0.00 ? 23 C B H42    1 
ATOM 577 H H5     . C B 2 6  ? -4.824  0.407   6.176   1.00 0.00 ? 23 C B H5     1 
ATOM 578 H H6     . C B 2 6  ? -5.090  -1.204  7.990   1.00 0.00 ? 23 C B H6     1 
ATOM 579 P P      . C B 2 7  ? -8.442  -2.331  11.349  1.00 0.00 ? 24 C B P      1 
ATOM 580 O OP1    . C B 2 7  ? -9.103  -3.041  12.465  1.00 0.00 ? 24 C B OP1    1 
ATOM 581 O OP2    . C B 2 7  ? -8.924  -2.519  9.962   1.00 0.00 ? 24 C B OP2    1 
ATOM 582 O "O5'"  . C B 2 7  ? -8.456  -0.751  11.672  1.00 0.00 ? 24 C B "O5'"  1 
ATOM 583 C "C5'"  . C B 2 7  ? -8.192  -0.273  12.997  1.00 0.00 ? 24 C B "C5'"  1 
ATOM 584 C "C4'"  . C B 2 7  ? -7.855  1.214   13.006  1.00 0.00 ? 24 C B "C4'"  1 
ATOM 585 O "O4'"  . C B 2 7  ? -6.700  1.452   12.197  1.00 0.00 ? 24 C B "O4'"  1 
ATOM 586 C "C3'"  . C B 2 7  ? -8.906  2.118   12.385  1.00 0.00 ? 24 C B "C3'"  1 
ATOM 587 O "O3'"  . C B 2 7  ? -9.976  2.370   13.303  1.00 0.00 ? 24 C B "O3'"  1 
ATOM 588 C "C2'"  . C B 2 7  ? -8.080  3.375   12.147  1.00 0.00 ? 24 C B "C2'"  1 
ATOM 589 O "O2'"  . C B 2 7  ? -7.890  4.094   13.371  1.00 0.00 ? 24 C B "O2'"  1 
ATOM 590 C "C1'"  . C B 2 7  ? -6.751  2.784   11.660  1.00 0.00 ? 24 C B "C1'"  1 
ATOM 591 N N1     . C B 2 7  ? -6.664  2.715   10.185  1.00 0.00 ? 24 C B N1     1 
ATOM 592 C C2     . C B 2 7  ? -6.113  3.803   9.526   1.00 0.00 ? 24 C B C2     1 
ATOM 593 O O2     . C B 2 7  ? -5.736  4.785   10.157  1.00 0.00 ? 24 C B O2     1 
ATOM 594 N N3     . C B 2 7  ? -6.009  3.764   8.174   1.00 0.00 ? 24 C B N3     1 
ATOM 595 C C4     . C B 2 7  ? -6.428  2.701   7.485   1.00 0.00 ? 24 C B C4     1 
ATOM 596 N N4     . C B 2 7  ? -6.283  2.731   6.163   1.00 0.00 ? 24 C B N4     1 
ATOM 597 C C5     . C B 2 7  ? -7.001  1.572   8.152   1.00 0.00 ? 24 C B C5     1 
ATOM 598 C C6     . C B 2 7  ? -7.099  1.619   9.495   1.00 0.00 ? 24 C B C6     1 
ATOM 599 H "H5'"  . C B 2 7  ? -7.352  -0.829  13.417  1.00 0.00 ? 24 C B "H5'"  1 
ATOM 600 H "H5''" . C B 2 7  ? -9.073  -0.441  13.618  1.00 0.00 ? 24 C B "H5''" 1 
ATOM 601 H "H4'"  . C B 2 7  ? -7.640  1.523   14.029  1.00 0.00 ? 24 C B "H4'"  1 
ATOM 602 H "H3'"  . C B 2 7  ? -9.274  1.707   11.444  1.00 0.00 ? 24 C B "H3'"  1 
ATOM 603 H "HO3'" . C B 2 7  ? -10.337 1.519   13.561  1.00 0.00 ? 24 C B "HO3'" 1 
ATOM 604 H "H2'"  . C B 2 7  ? -8.533  4.009   11.384  1.00 0.00 ? 24 C B "H2'"  1 
ATOM 605 H "HO2'" . C B 2 7  ? -8.730  4.087   13.838  1.00 0.00 ? 24 C B "HO2'" 1 
ATOM 606 H "H1'"  . C B 2 7  ? -5.908  3.359   12.045  1.00 0.00 ? 24 C B "H1'"  1 
ATOM 607 H H41    . C B 2 7  ? -5.804  3.511   5.725   1.00 0.00 ? 24 C B H41    1 
ATOM 608 H H42    . C B 2 7  ? -6.649  1.980   5.597   1.00 0.00 ? 24 C B H42    1 
ATOM 609 H H5     . C B 2 7  ? -7.348  0.698   7.600   1.00 0.00 ? 24 C B H5     1 
ATOM 610 H H6     . C B 2 7  ? -7.527  0.775   10.035  1.00 0.00 ? 24 C B H6     1 
# 
